data_1P31
#
_entry.id   1P31
#
_cell.length_a   91.523
_cell.length_b   92.274
_cell.length_c   118.174
_cell.angle_alpha   90.00
_cell.angle_beta   90.00
_cell.angle_gamma   90.00
#
_symmetry.space_group_name_H-M   'P 21 21 21'
#
loop_
_entity.id
_entity.type
_entity.pdbx_description
1 polymer 'UDP-N-acetylmuramate--alanine ligase'
2 non-polymer 'MAGNESIUM ION'
3 non-polymer 'URIDINE-DIPHOSPHATE-2(N-ACETYLGLUCOSAMINYL) BUTYRIC ACID'
4 water water
#
_entity_poly.entity_id   1
_entity_poly.type   'polypeptide(L)'
_entity_poly.pdbx_seq_one_letter_code
;(MSE)KHSHEEIRKIIPE(MSE)RRVQQIHFIGIGGAG(MSE)SGIAEILLNEGYQISGSDIADGVVTQRLAQAGAKIYI
GHAEEHIEGASVVVVSSAIKDDNPELVTSKQKRIPVIQRAQ(MSE)LAEI(MSE)RFRHGIAVAGTHGKTTTTA(MSE)I
S(MSE)IYTQAKLDPTFVNGGLVKSAGKNAHLGASRYLIAEADESDASFLHLQP(MSE)VSVVTN(MSE)EPDH(MSE)D
TYEGDFEK(MSE)KATYVKFLHNLPFYGLAV(MSE)CADDPVL(MSE)ELVPKVGRQVITYGFSEQADYRIEDYEQTGFQ
GHYTVICPNNERINVLLNVPGKHNALNATAALAVAKEEGIANEAILEALADFQGAGRRFDQLGEFIRPNGKVRLVDDYGH
HPTEVGVTIKAAREGWGDKRIV(MSE)IFQPHRYSRTRDLFDDFVQVLSQVDALI(MSE)LDVYAAGEAPIVGADSKSLC
RSIRNLGKVDPILVSDTSQLGDVLDQIIQDGDLILAQGAGSVSKISRGLAESWKN
;
_entity_poly.pdbx_strand_id   A,B
#
# COMPACT_ATOMS: atom_id res chain seq x y z
N ILE A 12 1.43 40.18 3.94
CA ILE A 12 0.66 39.28 4.86
C ILE A 12 -0.43 40.06 5.58
N PRO A 13 -1.69 39.82 5.20
CA PRO A 13 -2.84 40.52 5.80
C PRO A 13 -3.20 39.99 7.18
N GLU A 14 -3.85 40.81 7.98
CA GLU A 14 -4.41 40.35 9.24
C GLU A 14 -5.69 39.57 8.95
N ARG A 16 -9.43 38.64 9.34
CA ARG A 16 -10.60 39.47 9.64
C ARG A 16 -11.20 39.13 11.00
N ARG A 17 -11.28 40.13 11.87
CA ARG A 17 -11.94 40.01 13.18
C ARG A 17 -11.27 39.06 14.18
N VAL A 18 -10.08 38.58 13.84
CA VAL A 18 -9.30 37.74 14.74
C VAL A 18 -8.44 38.63 15.64
N GLN A 19 -8.81 38.69 16.91
CA GLN A 19 -8.10 39.54 17.88
C GLN A 19 -7.20 38.66 18.74
N GLN A 20 -7.79 37.59 19.26
CA GLN A 20 -7.10 36.71 20.21
C GLN A 20 -7.23 35.28 19.76
N ILE A 21 -6.12 34.56 19.74
CA ILE A 21 -6.13 33.17 19.35
C ILE A 21 -5.79 32.33 20.57
N HIS A 22 -6.67 31.37 20.88
CA HIS A 22 -6.45 30.50 22.02
C HIS A 22 -6.05 29.10 21.57
N PHE A 23 -5.00 28.57 22.20
CA PHE A 23 -4.46 27.27 21.87
C PHE A 23 -4.71 26.32 23.02
N ILE A 24 -5.40 25.21 22.76
CA ILE A 24 -5.53 24.16 23.77
C ILE A 24 -4.43 23.15 23.52
N GLY A 25 -3.48 23.08 24.44
CA GLY A 25 -2.29 22.27 24.28
C GLY A 25 -1.17 23.10 23.67
N ILE A 26 -1.04 24.33 24.15
CA ILE A 26 -0.12 25.30 23.53
C ILE A 26 1.36 24.91 23.63
N GLY A 27 1.71 24.05 24.59
CA GLY A 27 3.09 23.60 24.74
C GLY A 27 3.51 22.53 23.73
N GLY A 28 2.58 22.08 22.91
CA GLY A 28 2.88 21.09 21.87
C GLY A 28 3.95 21.57 20.91
N ALA A 29 4.74 20.64 20.39
CA ALA A 29 5.83 20.97 19.46
C ALA A 29 5.39 21.81 18.25
N GLY A 30 4.27 21.42 17.63
CA GLY A 30 3.72 22.15 16.50
C GLY A 30 2.85 23.31 16.91
N SER A 32 3.14 25.19 19.57
CA SER A 32 3.88 26.30 20.14
C SER A 32 4.53 27.15 19.06
N GLY A 33 4.95 26.52 17.97
CA GLY A 33 5.55 27.22 16.84
C GLY A 33 4.54 28.14 16.19
N ILE A 34 3.33 27.64 15.99
CA ILE A 34 2.26 28.45 15.40
C ILE A 34 1.90 29.62 16.32
N ALA A 35 1.82 29.34 17.62
CA ALA A 35 1.53 30.40 18.59
C ALA A 35 2.58 31.51 18.55
N GLU A 36 3.85 31.11 18.44
CA GLU A 36 4.95 32.07 18.38
C GLU A 36 4.87 32.94 17.12
N ILE A 37 4.55 32.32 15.98
CA ILE A 37 4.39 33.08 14.72
C ILE A 37 3.31 34.16 14.91
N LEU A 38 2.16 33.73 15.42
CA LEU A 38 1.01 34.61 15.51
C LEU A 38 1.20 35.68 16.58
N LEU A 39 1.85 35.32 17.68
CA LEU A 39 2.24 36.31 18.68
C LEU A 39 3.12 37.41 18.09
N ASN A 40 4.11 36.99 17.30
CA ASN A 40 5.02 37.93 16.66
C ASN A 40 4.39 38.72 15.51
N GLU A 41 3.27 38.24 14.99
CA GLU A 41 2.50 38.99 13.99
C GLU A 41 1.66 40.08 14.66
N GLY A 42 1.47 39.97 15.97
CA GLY A 42 0.75 40.99 16.73
C GLY A 42 -0.61 40.56 17.25
N TYR A 43 -0.97 39.28 17.08
CA TYR A 43 -2.21 38.79 17.67
C TYR A 43 -2.03 38.59 19.16
N GLN A 44 -3.12 38.75 19.91
CA GLN A 44 -3.11 38.39 21.32
C GLN A 44 -3.23 36.88 21.40
N ILE A 45 -2.39 36.26 22.23
CA ILE A 45 -2.32 34.81 22.28
C ILE A 45 -2.62 34.34 23.70
N SER A 46 -3.52 33.37 23.81
CA SER A 46 -3.74 32.71 25.07
C SER A 46 -3.63 31.22 24.81
N GLY A 47 -3.42 30.46 25.87
CA GLY A 47 -3.34 29.03 25.69
C GLY A 47 -3.36 28.30 27.01
N SER A 48 -3.71 27.03 26.95
CA SER A 48 -3.62 26.17 28.12
C SER A 48 -2.79 24.94 27.80
N ASP A 49 -2.26 24.32 28.85
CA ASP A 49 -1.53 23.07 28.71
C ASP A 49 -1.57 22.40 30.07
N ILE A 50 -1.46 21.07 30.08
CA ILE A 50 -1.39 20.33 31.33
C ILE A 50 0.01 20.37 31.95
N ALA A 51 0.98 20.88 31.19
CA ALA A 51 2.36 20.94 31.66
C ALA A 51 3.04 22.28 31.37
N ASP A 52 3.83 22.76 32.33
CA ASP A 52 4.63 23.97 32.17
C ASP A 52 6.09 23.62 32.00
N GLY A 53 6.67 24.01 30.86
CA GLY A 53 8.07 23.78 30.59
C GLY A 53 8.73 24.92 29.85
N VAL A 54 9.91 24.66 29.31
CA VAL A 54 10.69 25.66 28.55
C VAL A 54 9.85 26.38 27.49
N VAL A 55 9.03 25.61 26.76
CA VAL A 55 8.21 26.15 25.69
C VAL A 55 7.13 27.11 26.19
N THR A 56 6.34 26.71 27.19
CA THR A 56 5.31 27.59 27.73
C THR A 56 5.91 28.81 28.42
N GLN A 57 7.04 28.62 29.09
CA GLN A 57 7.71 29.73 29.77
C GLN A 57 8.20 30.79 28.77
N ARG A 58 8.80 30.33 27.67
CA ARG A 58 9.23 31.22 26.59
C ARG A 58 8.03 31.99 26.03
N LEU A 59 6.94 31.29 25.73
CA LEU A 59 5.74 31.94 25.18
C LEU A 59 5.14 32.97 26.14
N ALA A 60 5.06 32.60 27.42
CA ALA A 60 4.56 33.52 28.44
C ALA A 60 5.45 34.75 28.56
N GLN A 61 6.77 34.56 28.51
CA GLN A 61 7.71 35.68 28.62
C GLN A 61 7.54 36.64 27.43
N ALA A 62 7.27 36.09 26.25
CA ALA A 62 7.04 36.87 25.04
C ALA A 62 5.72 37.65 25.11
N GLY A 63 4.78 37.17 25.92
CA GLY A 63 3.54 37.88 26.15
C GLY A 63 2.27 37.08 25.90
N ALA A 64 2.43 35.79 25.62
CA ALA A 64 1.27 34.89 25.54
C ALA A 64 0.73 34.70 26.95
N LYS A 65 -0.59 34.55 27.06
CA LYS A 65 -1.23 34.32 28.35
C LYS A 65 -1.40 32.81 28.49
N ILE A 66 -0.60 32.20 29.36
CA ILE A 66 -0.60 30.75 29.49
C ILE A 66 -1.23 30.32 30.78
N TYR A 67 -2.09 29.30 30.70
CA TYR A 67 -2.69 28.70 31.88
C TYR A 67 -2.26 27.25 31.94
N ILE A 68 -1.95 26.77 33.14
CA ILE A 68 -1.66 25.37 33.33
C ILE A 68 -2.89 24.70 33.93
N GLY A 69 -3.38 23.65 33.27
CA GLY A 69 -4.65 23.04 33.59
C GLY A 69 -5.71 23.54 32.62
N HIS A 70 -6.80 22.79 32.48
CA HIS A 70 -7.86 23.17 31.56
C HIS A 70 -9.10 23.65 32.32
N ALA A 71 -9.67 24.76 31.85
CA ALA A 71 -10.88 25.33 32.45
C ALA A 71 -11.62 26.18 31.43
N GLU A 72 -12.95 26.12 31.44
CA GLU A 72 -13.75 26.87 30.46
C GLU A 72 -13.42 28.37 30.45
N GLU A 73 -13.07 28.93 31.61
CA GLU A 73 -12.69 30.35 31.74
C GLU A 73 -11.47 30.76 30.90
N HIS A 74 -10.58 29.81 30.63
CA HIS A 74 -9.34 30.09 29.87
C HIS A 74 -9.57 30.63 28.46
N ILE A 75 -10.71 30.31 27.86
CA ILE A 75 -11.01 30.75 26.48
C ILE A 75 -11.57 32.17 26.38
N GLU A 76 -11.80 32.82 27.52
CA GLU A 76 -12.35 34.18 27.54
C GLU A 76 -11.61 35.14 26.59
N GLY A 77 -12.36 35.71 25.65
CA GLY A 77 -11.80 36.66 24.71
C GLY A 77 -11.34 36.09 23.38
N ALA A 78 -11.30 34.76 23.28
CA ALA A 78 -10.82 34.11 22.06
C ALA A 78 -11.71 34.38 20.85
N SER A 79 -11.07 34.76 19.75
CA SER A 79 -11.75 34.94 18.46
C SER A 79 -11.80 33.59 17.74
N VAL A 80 -10.82 32.74 18.04
CA VAL A 80 -10.68 31.41 17.45
C VAL A 80 -9.90 30.54 18.43
N VAL A 81 -10.21 29.25 18.45
CA VAL A 81 -9.54 28.28 19.30
C VAL A 81 -8.84 27.29 18.39
N VAL A 82 -7.56 27.03 18.66
CA VAL A 82 -6.77 26.08 17.91
C VAL A 82 -6.51 24.89 18.83
N VAL A 83 -6.78 23.68 18.34
CA VAL A 83 -6.72 22.50 19.20
C VAL A 83 -5.69 21.46 18.73
N SER A 84 -4.91 20.96 19.67
CA SER A 84 -3.96 19.88 19.35
C SER A 84 -4.70 18.56 19.23
N SER A 85 -4.20 17.69 18.36
CA SER A 85 -4.74 16.34 18.22
C SER A 85 -4.65 15.54 19.53
N ALA A 86 -3.81 15.99 20.45
CA ALA A 86 -3.65 15.35 21.75
C ALA A 86 -4.83 15.62 22.69
N ILE A 87 -5.62 16.63 22.38
CA ILE A 87 -6.73 17.07 23.24
C ILE A 87 -7.95 16.16 23.08
N LYS A 88 -8.57 15.82 24.21
CA LYS A 88 -9.74 14.94 24.24
C LYS A 88 -11.03 15.72 23.99
N ASP A 89 -12.08 15.03 23.54
CA ASP A 89 -13.33 15.70 23.20
C ASP A 89 -14.12 16.22 24.41
N ASP A 90 -13.73 15.76 25.59
CA ASP A 90 -14.36 16.17 26.86
C ASP A 90 -13.68 17.40 27.48
N ASN A 91 -12.55 17.80 26.91
CA ASN A 91 -11.82 18.97 27.35
C ASN A 91 -12.75 20.18 27.55
N PRO A 92 -12.71 20.79 28.73
CA PRO A 92 -13.64 21.87 29.09
C PRO A 92 -13.55 23.10 28.20
N GLU A 93 -12.35 23.42 27.73
CA GLU A 93 -12.16 24.58 26.88
C GLU A 93 -12.73 24.34 25.50
N LEU A 94 -12.64 23.10 25.04
CA LEU A 94 -13.08 22.70 23.72
C LEU A 94 -14.61 22.66 23.65
N VAL A 95 -15.21 22.02 24.65
CA VAL A 95 -16.67 21.89 24.74
C VAL A 95 -17.32 23.29 24.75
N THR A 96 -16.81 24.16 25.62
CA THR A 96 -17.33 25.52 25.77
C THR A 96 -17.14 26.41 24.54
N SER A 97 -16.01 26.25 23.85
CA SER A 97 -15.73 27.01 22.64
C SER A 97 -16.81 26.79 21.58
N LYS A 98 -17.18 25.53 21.40
CA LYS A 98 -18.21 25.15 20.44
C LYS A 98 -19.58 25.70 20.85
N GLN A 99 -19.82 25.77 22.16
CA GLN A 99 -21.09 26.27 22.71
C GLN A 99 -21.25 27.77 22.46
N LYS A 100 -20.13 28.49 22.41
CA LYS A 100 -20.13 29.94 22.23
C LYS A 100 -19.96 30.33 20.75
N ARG A 101 -20.03 29.33 19.87
CA ARG A 101 -19.87 29.48 18.42
C ARG A 101 -18.54 30.09 17.98
N ILE A 102 -17.52 29.95 18.82
CA ILE A 102 -16.17 30.37 18.49
C ILE A 102 -15.57 29.31 17.58
N PRO A 103 -15.08 29.72 16.42
CA PRO A 103 -14.40 28.81 15.49
C PRO A 103 -13.37 27.95 16.24
N VAL A 104 -13.46 26.63 16.06
CA VAL A 104 -12.50 25.68 16.64
C VAL A 104 -11.84 24.95 15.48
N ILE A 105 -10.52 25.07 15.38
CA ILE A 105 -9.79 24.49 14.26
C ILE A 105 -8.60 23.68 14.72
N GLN A 106 -8.19 22.75 13.88
CA GLN A 106 -7.00 21.95 14.18
C GLN A 106 -5.73 22.75 13.90
N ARG A 107 -4.65 22.35 14.55
CA ARG A 107 -3.33 22.95 14.39
C ARG A 107 -2.98 23.17 12.90
N ALA A 108 -3.17 22.12 12.08
CA ALA A 108 -2.79 22.18 10.66
C ALA A 108 -3.66 23.17 9.87
N GLN A 109 -4.89 23.39 10.31
CA GLN A 109 -5.71 24.42 9.66
C GLN A 109 -5.15 25.82 9.95
N LEU A 111 -1.89 26.41 10.71
CA LEU A 111 -0.65 26.43 9.92
C LEU A 111 -0.97 26.75 8.45
N ALA A 112 -2.06 26.19 7.94
CA ALA A 112 -2.49 26.47 6.57
C ALA A 112 -2.80 27.95 6.36
N GLU A 113 -3.38 28.60 7.37
CA GLU A 113 -3.66 30.03 7.30
C GLU A 113 -2.38 30.87 7.31
N ILE A 114 -1.40 30.45 8.10
CA ILE A 114 -0.04 31.01 8.05
C ILE A 114 0.57 30.84 6.66
N ARG A 116 -1.20 30.45 3.79
CA ARG A 116 -2.10 30.94 2.74
C ARG A 116 -1.48 31.97 1.79
N PHE A 117 -0.93 33.04 2.36
CA PHE A 117 -0.40 34.15 1.58
C PHE A 117 1.11 34.14 1.52
N ARG A 118 1.69 32.98 1.83
CA ARG A 118 3.13 32.83 1.82
C ARG A 118 3.52 31.82 0.74
N HIS A 119 4.81 31.86 0.39
CA HIS A 119 5.40 30.88 -0.51
C HIS A 119 5.79 29.72 0.38
N GLY A 120 4.91 28.73 0.46
CA GLY A 120 5.09 27.63 1.38
C GLY A 120 5.89 26.48 0.81
N ILE A 121 6.88 26.07 1.60
CA ILE A 121 7.65 24.85 1.34
C ILE A 121 7.29 23.87 2.45
N ALA A 122 6.51 22.85 2.10
CA ALA A 122 6.02 21.89 3.07
C ALA A 122 6.88 20.65 3.03
N VAL A 123 7.35 20.24 4.21
CA VAL A 123 8.23 19.08 4.30
C VAL A 123 7.47 17.92 4.94
N ALA A 124 7.18 16.91 4.12
CA ALA A 124 6.42 15.75 4.55
C ALA A 124 7.27 14.51 4.40
N GLY A 125 6.69 13.36 4.79
CA GLY A 125 7.39 12.09 4.77
C GLY A 125 7.35 11.49 6.16
N THR A 126 7.72 10.22 6.27
CA THR A 126 7.65 9.55 7.57
C THR A 126 8.77 10.02 8.50
N HIS A 127 10.00 10.00 8.01
CA HIS A 127 11.17 10.33 8.80
C HIS A 127 11.96 11.46 8.18
N GLY A 128 12.65 12.21 9.03
CA GLY A 128 13.57 13.23 8.57
C GLY A 128 12.95 14.58 8.37
N LYS A 129 11.66 14.74 8.67
CA LYS A 129 10.96 16.00 8.38
C LYS A 129 11.51 17.14 9.20
N THR A 130 11.78 16.89 10.47
CA THR A 130 12.25 17.94 11.39
C THR A 130 13.63 18.43 11.00
N THR A 131 14.51 17.49 10.68
CA THR A 131 15.86 17.87 10.24
C THR A 131 15.83 18.62 8.91
N THR A 132 15.07 18.09 7.96
CA THR A 132 15.00 18.68 6.63
C THR A 132 14.42 20.10 6.69
N THR A 133 13.38 20.29 7.50
CA THR A 133 12.76 21.59 7.64
C THR A 133 13.76 22.57 8.21
N ALA A 134 14.51 22.13 9.22
CA ALA A 134 15.55 22.95 9.85
C ALA A 134 16.63 23.32 8.83
N ILE A 136 16.40 23.42 5.45
CA ILE A 136 15.88 24.34 4.42
C ILE A 136 15.76 25.74 5.01
N SER A 137 15.24 25.81 6.22
CA SER A 137 15.11 27.06 6.96
C SER A 137 16.45 27.78 7.07
N ILE A 139 19.23 27.27 5.19
CA ILE A 139 19.66 27.66 3.84
C ILE A 139 19.02 28.97 3.39
N TYR A 140 17.70 29.05 3.51
CA TYR A 140 16.98 30.26 3.13
C TYR A 140 17.40 31.47 3.96
N THR A 141 17.72 31.23 5.23
CA THR A 141 18.20 32.27 6.13
C THR A 141 19.58 32.76 5.69
N GLN A 142 20.45 31.81 5.37
CA GLN A 142 21.79 32.12 4.88
C GLN A 142 21.74 32.84 3.53
N ALA A 143 20.72 32.54 2.72
CA ALA A 143 20.53 33.21 1.44
C ALA A 143 19.94 34.61 1.61
N LYS A 144 19.78 35.04 2.86
CA LYS A 144 19.25 36.38 3.17
C LYS A 144 17.79 36.55 2.75
N LEU A 145 17.05 35.45 2.73
CA LEU A 145 15.65 35.49 2.31
C LEU A 145 14.69 35.66 3.49
N ASP A 146 15.24 35.57 4.72
CA ASP A 146 14.52 35.85 5.96
C ASP A 146 13.19 35.12 6.03
N PRO A 147 13.25 33.79 5.96
CA PRO A 147 12.05 32.96 5.89
C PRO A 147 11.34 32.91 7.25
N THR A 148 10.04 32.66 7.20
CA THR A 148 9.31 32.20 8.38
C THR A 148 9.44 30.69 8.38
N PHE A 149 9.67 30.10 9.54
CA PHE A 149 9.62 28.66 9.61
C PHE A 149 8.82 28.16 10.82
N VAL A 150 8.24 26.98 10.67
CA VAL A 150 7.48 26.31 11.72
C VAL A 150 7.87 24.84 11.66
N ASN A 151 8.74 24.46 12.59
CA ASN A 151 9.26 23.11 12.64
C ASN A 151 8.63 22.30 13.78
N GLY A 152 8.64 20.97 13.65
CA GLY A 152 8.15 20.07 14.68
C GLY A 152 9.15 19.77 15.78
N GLY A 153 10.26 20.49 15.77
CA GLY A 153 11.26 20.38 16.81
C GLY A 153 12.18 21.57 16.71
N LEU A 154 13.12 21.68 17.64
CA LEU A 154 13.98 22.86 17.70
C LEU A 154 14.86 22.99 16.48
N VAL A 155 14.98 24.21 15.98
CA VAL A 155 16.05 24.55 15.05
C VAL A 155 17.11 25.07 16.00
N LYS A 156 18.18 24.28 16.18
CA LYS A 156 19.10 24.54 17.30
C LYS A 156 19.78 25.91 17.24
N SER A 157 20.16 26.33 16.04
CA SER A 157 20.80 27.65 15.91
C SER A 157 19.84 28.80 16.28
N ALA A 158 18.53 28.56 16.14
CA ALA A 158 17.52 29.55 16.48
C ALA A 158 17.09 29.47 17.94
N GLY A 159 17.31 28.31 18.55
CA GLY A 159 16.88 28.05 19.90
C GLY A 159 15.37 27.98 20.04
N LYS A 160 14.68 27.77 18.92
CA LYS A 160 13.21 27.68 18.92
C LYS A 160 12.72 26.81 17.76
N ASN A 161 11.43 26.44 17.81
CA ASN A 161 10.81 25.60 16.79
C ASN A 161 10.33 26.43 15.60
N ALA A 162 10.12 27.72 15.82
CA ALA A 162 9.50 28.56 14.81
C ALA A 162 10.00 29.98 14.90
N HIS A 163 9.93 30.68 13.77
CA HIS A 163 10.42 32.05 13.68
C HIS A 163 9.64 32.79 12.61
N LEU A 164 9.23 34.01 12.92
CA LEU A 164 8.58 34.87 11.95
C LEU A 164 9.62 35.72 11.23
N GLY A 165 9.74 35.51 9.92
CA GLY A 165 10.54 36.38 9.07
C GLY A 165 9.67 37.41 8.36
N ALA A 166 10.32 38.45 7.83
CA ALA A 166 9.59 39.52 7.14
C ALA A 166 9.29 39.22 5.67
N SER A 167 9.76 38.09 5.17
CA SER A 167 9.58 37.73 3.77
C SER A 167 8.27 36.98 3.56
N ARG A 168 8.03 36.57 2.33
CA ARG A 168 6.88 35.74 1.99
C ARG A 168 7.18 34.24 2.14
N TYR A 169 8.43 33.87 2.42
CA TYR A 169 8.78 32.45 2.49
C TYR A 169 8.32 31.79 3.78
N LEU A 170 7.75 30.59 3.66
CA LEU A 170 7.44 29.77 4.82
C LEU A 170 7.96 28.36 4.59
N ILE A 171 8.74 27.86 5.56
CA ILE A 171 9.20 26.47 5.54
C ILE A 171 8.47 25.79 6.68
N ALA A 172 7.72 24.72 6.39
CA ALA A 172 6.96 24.11 7.47
C ALA A 172 7.00 22.59 7.41
N GLU A 173 7.14 21.99 8.59
CA GLU A 173 6.97 20.54 8.69
C GLU A 173 5.49 20.21 8.52
N ALA A 174 5.21 19.19 7.69
CA ALA A 174 3.84 18.80 7.35
C ALA A 174 3.50 17.42 7.89
N ASP A 175 2.57 17.39 8.83
CA ASP A 175 2.22 16.19 9.57
C ASP A 175 1.17 15.36 8.83
N GLU A 176 1.55 14.13 8.52
CA GLU A 176 0.64 13.19 7.88
C GLU A 176 -0.24 12.43 8.89
N SER A 177 0.17 12.46 10.16
CA SER A 177 -0.32 11.53 11.20
C SER A 177 -1.81 11.50 11.45
N ASP A 178 -2.50 12.57 11.05
CA ASP A 178 -3.94 12.67 11.17
C ASP A 178 -4.56 13.13 9.85
N ALA A 179 -3.80 12.94 8.77
CA ALA A 179 -4.12 13.47 7.43
C ALA A 179 -4.27 14.99 7.41
N SER A 180 -3.75 15.66 8.46
CA SER A 180 -4.00 17.09 8.62
C SER A 180 -3.21 17.95 7.64
N PHE A 181 -2.14 17.41 7.07
CA PHE A 181 -1.39 18.16 6.04
C PHE A 181 -2.20 18.45 4.77
N LEU A 182 -3.38 17.82 4.64
CA LEU A 182 -4.28 18.09 3.51
C LEU A 182 -4.85 19.52 3.54
N HIS A 183 -4.73 20.18 4.68
CA HIS A 183 -5.15 21.59 4.80
C HIS A 183 -4.17 22.51 4.09
N LEU A 184 -2.93 22.06 3.94
CA LEU A 184 -1.84 22.93 3.50
C LEU A 184 -1.86 23.15 2.00
N GLN A 185 -1.56 24.37 1.59
CA GLN A 185 -1.48 24.71 0.17
C GLN A 185 -0.10 25.29 -0.17
N PRO A 186 0.90 24.41 -0.31
CA PRO A 186 2.30 24.81 -0.51
C PRO A 186 2.62 25.15 -1.96
N VAL A 188 5.87 24.30 -2.88
CA VAL A 188 6.87 23.23 -3.01
C VAL A 188 6.61 22.26 -1.88
N SER A 189 6.63 20.97 -2.20
CA SER A 189 6.40 19.94 -1.20
C SER A 189 7.51 18.91 -1.30
N VAL A 190 8.11 18.60 -0.15
CA VAL A 190 9.16 17.60 -0.07
C VAL A 190 8.51 16.37 0.53
N VAL A 191 8.80 15.21 -0.04
CA VAL A 191 8.46 13.96 0.63
C VAL A 191 9.76 13.19 0.82
N THR A 192 10.14 12.99 2.07
CA THR A 192 11.43 12.37 2.37
C THR A 192 11.41 10.86 2.17
N ASN A 193 10.30 10.23 2.56
CA ASN A 193 10.17 8.78 2.53
C ASN A 193 8.78 8.39 2.98
N GLU A 195 7.00 5.12 5.16
CA GLU A 195 7.03 3.83 5.86
C GLU A 195 5.81 3.71 6.77
N PRO A 196 5.40 2.49 7.10
CA PRO A 196 4.31 2.27 8.07
C PRO A 196 4.50 3.06 9.37
N ASP A 197 3.54 3.93 9.65
CA ASP A 197 3.47 4.72 10.87
C ASP A 197 2.07 5.33 10.98
N HIS A 198 1.65 5.66 12.20
CA HIS A 198 0.37 6.31 12.47
C HIS A 198 -0.80 5.58 11.82
N ASP A 200 -3.25 3.92 12.80
CA ASP A 200 -4.60 4.06 13.37
C ASP A 200 -5.44 5.08 12.60
N THR A 201 -4.80 6.16 12.16
CA THR A 201 -5.46 7.18 11.34
C THR A 201 -5.75 6.66 9.93
N TYR A 202 -4.98 5.67 9.51
CA TYR A 202 -5.12 5.07 8.18
C TYR A 202 -5.74 3.67 8.26
N GLU A 203 -6.05 3.25 9.49
CA GLU A 203 -6.71 1.97 9.78
C GLU A 203 -5.96 0.75 9.24
N GLY A 204 -4.65 0.75 9.43
CA GLY A 204 -3.79 -0.35 8.99
C GLY A 204 -3.51 -0.39 7.50
N ASP A 205 -4.12 0.52 6.74
CA ASP A 205 -4.04 0.51 5.28
C ASP A 205 -2.91 1.39 4.74
N PHE A 206 -1.82 0.74 4.36
CA PHE A 206 -0.68 1.40 3.73
C PHE A 206 -1.09 2.09 2.43
N GLU A 207 -2.01 1.45 1.70
CA GLU A 207 -2.54 2.00 0.46
C GLU A 207 -3.33 3.30 0.66
N LYS A 208 -4.06 3.40 1.77
CA LYS A 208 -4.76 4.63 2.13
C LYS A 208 -3.78 5.76 2.44
N LYS A 210 -0.72 5.94 1.17
CA LYS A 210 -0.22 6.26 -0.17
C LYS A 210 -1.15 7.21 -0.91
N ALA A 211 -2.44 6.92 -0.87
CA ALA A 211 -3.47 7.76 -1.51
C ALA A 211 -3.52 9.15 -0.90
N THR A 212 -3.28 9.22 0.41
CA THR A 212 -3.33 10.48 1.15
C THR A 212 -2.17 11.40 0.78
N TYR A 213 -0.99 10.83 0.62
CA TYR A 213 0.19 11.56 0.16
C TYR A 213 -0.01 12.08 -1.26
N VAL A 214 -0.62 11.27 -2.12
CA VAL A 214 -0.93 11.69 -3.47
C VAL A 214 -1.90 12.87 -3.42
N LYS A 215 -2.94 12.74 -2.59
CA LYS A 215 -3.90 13.81 -2.36
C LYS A 215 -3.17 15.07 -1.91
N PHE A 216 -2.23 14.91 -0.99
CA PHE A 216 -1.44 16.03 -0.48
C PHE A 216 -0.63 16.72 -1.58
N LEU A 217 0.02 15.94 -2.44
CA LEU A 217 0.83 16.52 -3.51
C LEU A 217 -0.07 17.20 -4.54
N HIS A 218 -1.31 16.72 -4.67
CA HIS A 218 -2.31 17.37 -5.52
C HIS A 218 -2.79 18.75 -5.01
N ASN A 219 -2.44 19.10 -3.77
CA ASN A 219 -2.69 20.45 -3.26
C ASN A 219 -1.72 21.47 -3.85
N LEU A 220 -0.59 20.99 -4.41
CA LEU A 220 0.32 21.86 -5.15
C LEU A 220 -0.41 22.50 -6.34
N PRO A 221 -0.07 23.74 -6.68
CA PRO A 221 -0.60 24.39 -7.88
C PRO A 221 -0.08 23.63 -9.09
N PHE A 222 -0.71 23.81 -10.26
CA PHE A 222 -0.29 23.08 -11.46
C PHE A 222 1.20 23.28 -11.76
N TYR A 223 1.75 24.41 -11.35
CA TYR A 223 3.14 24.77 -11.61
C TYR A 223 4.03 24.43 -10.42
N GLY A 224 3.45 23.83 -9.39
CA GLY A 224 4.17 23.51 -8.17
C GLY A 224 5.23 22.46 -8.35
N LEU A 225 6.06 22.30 -7.33
CA LEU A 225 7.15 21.32 -7.38
C LEU A 225 7.07 20.33 -6.24
N ALA A 226 7.21 19.06 -6.57
CA ALA A 226 7.35 18.03 -5.55
C ALA A 226 8.79 17.53 -5.60
N VAL A 227 9.44 17.53 -4.43
CA VAL A 227 10.82 17.08 -4.31
C VAL A 227 10.79 15.78 -3.50
N CYS A 229 12.35 11.68 -2.58
CA CYS A 229 13.53 10.84 -2.46
C CYS A 229 13.54 9.71 -3.46
N ALA A 230 14.56 9.71 -4.30
CA ALA A 230 14.73 8.71 -5.35
C ALA A 230 15.02 7.32 -4.81
N ASP A 231 15.46 7.25 -3.55
CA ASP A 231 15.84 5.97 -2.95
C ASP A 231 14.69 5.21 -2.29
N ASP A 232 13.49 5.80 -2.31
CA ASP A 232 12.32 5.19 -1.71
C ASP A 232 11.44 4.63 -2.82
N PRO A 233 11.40 3.31 -2.95
CA PRO A 233 10.63 2.64 -4.01
C PRO A 233 9.14 3.00 -4.00
N VAL A 234 8.56 3.18 -2.82
CA VAL A 234 7.14 3.57 -2.72
C VAL A 234 6.94 4.95 -3.37
N LEU A 235 7.82 5.89 -3.04
CA LEU A 235 7.77 7.24 -3.59
C LEU A 235 7.93 7.25 -5.11
N GLU A 237 7.17 4.77 -7.20
CA GLU A 237 5.94 4.20 -7.77
C GLU A 237 4.81 5.23 -7.82
N LEU A 238 4.87 6.24 -6.96
CA LEU A 238 3.82 7.25 -6.89
C LEU A 238 4.02 8.44 -7.84
N VAL A 239 5.23 8.58 -8.38
CA VAL A 239 5.54 9.68 -9.31
C VAL A 239 4.56 9.84 -10.48
N PRO A 240 4.22 8.76 -11.21
CA PRO A 240 3.22 8.86 -12.29
C PRO A 240 1.87 9.42 -11.85
N LYS A 241 1.51 9.25 -10.58
CA LYS A 241 0.22 9.72 -10.07
C LYS A 241 0.25 11.19 -9.61
N VAL A 242 1.43 11.79 -9.57
CA VAL A 242 1.58 13.13 -8.99
C VAL A 242 0.94 14.26 -9.83
N GLY A 243 1.17 14.26 -11.14
CA GLY A 243 0.61 15.27 -12.02
C GLY A 243 1.16 16.68 -11.78
N ARG A 244 2.33 16.74 -11.16
CA ARG A 244 3.09 17.97 -10.96
C ARG A 244 4.53 17.63 -11.24
N GLN A 245 5.36 18.63 -11.52
CA GLN A 245 6.78 18.38 -11.69
C GLN A 245 7.34 17.70 -10.44
N VAL A 246 8.11 16.64 -10.67
CA VAL A 246 8.74 15.92 -9.58
C VAL A 246 10.24 15.98 -9.82
N ILE A 247 10.96 16.43 -8.79
CA ILE A 247 12.40 16.41 -8.78
C ILE A 247 12.82 15.40 -7.72
N THR A 248 13.75 14.51 -8.06
CA THR A 248 14.18 13.49 -7.11
C THR A 248 15.60 13.73 -6.61
N TYR A 249 15.90 13.18 -5.44
CA TYR A 249 17.23 13.27 -4.86
C TYR A 249 17.61 11.96 -4.22
N GLY A 250 18.91 11.73 -4.07
CA GLY A 250 19.38 10.57 -3.34
C GLY A 250 20.61 9.91 -3.94
N PHE A 251 20.89 8.70 -3.47
CA PHE A 251 22.04 7.93 -3.94
C PHE A 251 21.79 7.23 -5.27
N SER A 252 20.51 6.99 -5.57
CA SER A 252 20.10 6.32 -6.80
C SER A 252 20.72 6.94 -8.04
N GLU A 253 21.22 6.10 -8.95
CA GLU A 253 21.81 6.60 -10.18
C GLU A 253 20.81 7.39 -11.03
N GLN A 254 19.52 7.15 -10.80
CA GLN A 254 18.45 7.89 -11.49
C GLN A 254 18.00 9.20 -10.81
N ALA A 255 18.60 9.55 -9.66
CA ALA A 255 18.22 10.77 -8.94
C ALA A 255 18.59 12.03 -9.71
N ASP A 256 17.71 13.03 -9.70
CA ASP A 256 18.00 14.31 -10.35
C ASP A 256 19.14 15.03 -9.64
N TYR A 257 19.08 15.00 -8.31
CA TYR A 257 20.17 15.46 -7.47
C TYR A 257 20.77 14.23 -6.82
N ARG A 258 21.91 13.80 -7.36
CA ARG A 258 22.48 12.51 -6.99
C ARG A 258 23.62 12.69 -6.01
N ILE A 259 23.62 11.88 -4.96
CA ILE A 259 24.69 11.93 -3.97
C ILE A 259 25.72 10.89 -4.34
N GLU A 260 26.98 11.30 -4.34
CA GLU A 260 28.09 10.38 -4.63
C GLU A 260 29.20 10.60 -3.64
N ASP A 261 30.05 9.58 -3.47
CA ASP A 261 31.29 9.67 -2.72
C ASP A 261 31.08 10.01 -1.26
N TYR A 262 30.03 9.48 -0.66
CA TYR A 262 29.71 9.85 0.72
C TYR A 262 30.73 9.25 1.67
N GLU A 263 31.24 10.08 2.59
CA GLU A 263 32.06 9.61 3.69
C GLU A 263 31.69 10.35 4.95
N GLN A 264 31.63 9.64 6.06
CA GLN A 264 31.46 10.30 7.35
C GLN A 264 32.80 10.34 8.08
N THR A 265 33.15 11.52 8.56
CA THR A 265 34.39 11.70 9.31
C THR A 265 34.03 12.38 10.60
N GLY A 266 34.29 11.72 11.72
CA GLY A 266 33.70 12.14 13.00
C GLY A 266 32.20 12.20 12.81
N PHE A 267 31.59 13.33 13.16
CA PHE A 267 30.15 13.50 12.97
C PHE A 267 29.78 14.45 11.83
N GLN A 268 30.69 14.62 10.89
CA GLN A 268 30.42 15.38 9.67
C GLN A 268 30.34 14.46 8.46
N GLY A 269 29.52 14.85 7.49
CA GLY A 269 29.42 14.14 6.23
C GLY A 269 30.15 14.90 5.13
N HIS A 270 30.76 14.15 4.21
CA HIS A 270 31.40 14.73 3.03
C HIS A 270 30.90 13.97 1.81
N TYR A 271 30.41 14.70 0.83
CA TYR A 271 29.92 14.04 -0.37
C TYR A 271 29.83 15.03 -1.50
N THR A 272 29.52 14.52 -2.68
CA THR A 272 29.27 15.35 -3.85
C THR A 272 27.83 15.15 -4.27
N VAL A 273 27.19 16.24 -4.68
CA VAL A 273 25.87 16.17 -5.25
C VAL A 273 26.02 16.53 -6.71
N ILE A 274 25.48 15.69 -7.59
CA ILE A 274 25.47 15.99 -9.02
C ILE A 274 24.05 16.43 -9.36
N CYS A 275 23.94 17.67 -9.86
CA CYS A 275 22.67 18.29 -10.19
C CYS A 275 22.18 17.89 -11.59
N PRO A 276 20.92 18.19 -11.91
CA PRO A 276 20.33 17.84 -13.21
C PRO A 276 21.11 18.30 -14.44
N ASN A 277 21.76 19.45 -14.34
CA ASN A 277 22.58 19.97 -15.45
C ASN A 277 24.04 19.53 -15.30
N ASN A 278 24.25 18.49 -14.50
CA ASN A 278 25.56 17.90 -14.21
C ASN A 278 26.54 18.77 -13.43
N GLU A 279 26.04 19.86 -12.85
CA GLU A 279 26.84 20.67 -11.94
C GLU A 279 27.24 19.84 -10.72
N ARG A 280 28.53 19.83 -10.40
CA ARG A 280 29.03 19.09 -9.24
C ARG A 280 29.19 20.03 -8.05
N ILE A 281 28.62 19.66 -6.91
CA ILE A 281 28.71 20.45 -5.70
C ILE A 281 29.30 19.58 -4.59
N ASN A 282 30.44 20.00 -4.06
CA ASN A 282 31.08 19.28 -2.97
C ASN A 282 30.57 19.81 -1.65
N VAL A 283 29.93 18.94 -0.88
CA VAL A 283 29.27 19.32 0.36
C VAL A 283 30.05 18.83 1.57
N LEU A 284 30.18 19.73 2.54
CA LEU A 284 30.51 19.38 3.90
C LEU A 284 29.23 19.58 4.71
N LEU A 285 28.77 18.51 5.32
CA LEU A 285 27.55 18.56 6.11
C LEU A 285 27.89 18.39 7.57
N ASN A 286 27.42 19.33 8.41
CA ASN A 286 27.82 19.37 9.83
C ASN A 286 27.04 18.41 10.75
N VAL A 287 26.41 17.40 10.15
CA VAL A 287 25.73 16.34 10.93
C VAL A 287 26.05 14.98 10.31
N PRO A 288 26.02 13.92 11.13
CA PRO A 288 26.43 12.59 10.66
C PRO A 288 25.37 11.81 9.89
N GLY A 289 25.83 10.81 9.15
CA GLY A 289 24.94 9.83 8.60
C GLY A 289 24.51 10.08 7.17
N LYS A 290 24.38 8.98 6.42
CA LYS A 290 23.84 9.04 5.07
C LYS A 290 22.41 9.53 5.09
N HIS A 291 21.68 9.20 6.15
CA HIS A 291 20.31 9.67 6.29
C HIS A 291 20.25 11.20 6.29
N ASN A 292 21.24 11.84 6.92
CA ASN A 292 21.30 13.31 6.91
C ASN A 292 21.80 13.88 5.58
N ALA A 293 22.67 13.13 4.90
CA ALA A 293 23.06 13.51 3.54
C ALA A 293 21.80 13.58 2.65
N LEU A 294 20.91 12.58 2.81
CA LEU A 294 19.63 12.58 2.10
C LEU A 294 18.80 13.80 2.46
N ASN A 295 18.59 14.05 3.75
CA ASN A 295 17.86 15.23 4.22
C ASN A 295 18.43 16.52 3.67
N ALA A 296 19.76 16.62 3.68
CA ALA A 296 20.46 17.81 3.18
C ALA A 296 20.40 17.96 1.68
N THR A 297 20.20 16.85 0.98
CA THR A 297 20.10 16.87 -0.48
C THR A 297 18.68 17.21 -0.92
N ALA A 298 17.68 16.80 -0.13
CA ALA A 298 16.32 17.36 -0.28
C ALA A 298 16.39 18.87 -0.14
N ALA A 299 17.08 19.34 0.91
CA ALA A 299 17.19 20.76 1.17
C ALA A 299 17.95 21.47 0.06
N LEU A 300 19.07 20.89 -0.37
CA LEU A 300 19.84 21.48 -1.45
C LEU A 300 19.03 21.54 -2.75
N ALA A 301 18.28 20.48 -3.03
CA ALA A 301 17.46 20.43 -4.24
C ALA A 301 16.41 21.53 -4.23
N VAL A 302 15.72 21.67 -3.10
CA VAL A 302 14.72 22.73 -2.96
C VAL A 302 15.35 24.10 -3.22
N ALA A 303 16.50 24.35 -2.57
CA ALA A 303 17.21 25.62 -2.72
C ALA A 303 17.70 25.87 -4.15
N LYS A 304 18.28 24.84 -4.77
CA LYS A 304 18.77 24.99 -6.14
C LYS A 304 17.62 25.29 -7.09
N GLU A 305 16.51 24.57 -6.91
CA GLU A 305 15.34 24.76 -7.75
C GLU A 305 14.70 26.14 -7.56
N GLU A 306 14.93 26.72 -6.38
CA GLU A 306 14.46 28.07 -6.03
C GLU A 306 15.43 29.14 -6.57
N GLY A 307 16.62 28.72 -6.96
CA GLY A 307 17.59 29.64 -7.55
C GLY A 307 18.63 30.18 -6.57
N ILE A 308 18.68 29.60 -5.37
CA ILE A 308 19.65 30.03 -4.36
C ILE A 308 21.07 29.61 -4.76
N ALA A 309 22.02 30.51 -4.50
CA ALA A 309 23.41 30.29 -4.88
C ALA A 309 24.07 29.19 -4.05
N ASN A 310 25.00 28.48 -4.66
CA ASN A 310 25.74 27.41 -3.97
C ASN A 310 26.38 27.88 -2.67
N GLU A 311 26.88 29.12 -2.65
CA GLU A 311 27.53 29.71 -1.48
C GLU A 311 26.65 29.62 -0.24
N ALA A 312 25.40 30.07 -0.37
CA ALA A 312 24.45 30.07 0.73
C ALA A 312 24.16 28.64 1.19
N ILE A 313 23.96 27.76 0.22
CA ILE A 313 23.59 26.37 0.52
C ILE A 313 24.72 25.72 1.29
N LEU A 314 25.94 25.90 0.78
CA LEU A 314 27.10 25.22 1.34
C LEU A 314 27.43 25.74 2.72
N GLU A 315 27.35 27.06 2.90
CA GLU A 315 27.63 27.67 4.20
C GLU A 315 26.65 27.17 5.26
N ALA A 316 25.37 27.10 4.91
CA ALA A 316 24.34 26.65 5.84
C ALA A 316 24.54 25.19 6.24
N LEU A 317 24.86 24.34 5.26
CA LEU A 317 25.06 22.91 5.54
C LEU A 317 26.35 22.65 6.34
N ALA A 318 27.39 23.42 6.05
CA ALA A 318 28.66 23.28 6.77
C ALA A 318 28.55 23.74 8.23
N ASP A 319 27.67 24.71 8.48
CA ASP A 319 27.51 25.28 9.81
C ASP A 319 26.30 24.72 10.55
N PHE A 320 25.60 23.79 9.90
CA PHE A 320 24.30 23.33 10.41
C PHE A 320 24.38 22.80 11.83
N GLN A 321 23.57 23.38 12.72
CA GLN A 321 23.69 23.08 14.15
C GLN A 321 22.76 21.96 14.59
N GLY A 322 21.93 21.50 13.66
CA GLY A 322 21.06 20.37 13.87
C GLY A 322 19.66 20.78 14.31
N ALA A 323 18.79 19.79 14.34
CA ALA A 323 17.46 19.94 14.90
C ALA A 323 17.43 19.32 16.31
N GLY A 324 16.53 19.81 17.16
CA GLY A 324 16.38 19.30 18.52
C GLY A 324 16.18 17.79 18.55
N ARG A 325 16.94 17.11 19.40
CA ARG A 325 16.82 15.66 19.60
C ARG A 325 17.09 14.80 18.36
N ARG A 326 17.81 15.33 17.39
CA ARG A 326 18.23 14.55 16.22
C ARG A 326 19.74 14.47 16.29
N PHE A 327 20.25 13.38 16.86
CA PHE A 327 21.66 13.25 17.21
C PHE A 327 22.16 14.54 17.88
N ASP A 328 21.49 14.87 18.97
CA ASP A 328 21.60 16.17 19.61
C ASP A 328 22.77 16.09 20.59
N GLN A 329 23.89 16.69 20.22
CA GLN A 329 25.08 16.70 21.05
C GLN A 329 24.86 17.55 22.30
N LEU A 330 24.94 16.92 23.47
CA LEU A 330 24.74 17.62 24.73
C LEU A 330 26.04 18.09 25.37
N GLY A 331 27.17 17.57 24.86
CA GLY A 331 28.47 17.99 25.33
C GLY A 331 29.36 16.85 25.80
N GLU A 332 30.58 17.22 26.19
CA GLU A 332 31.58 16.28 26.69
C GLU A 332 31.72 16.47 28.19
N PHE A 333 31.88 15.37 28.91
CA PHE A 333 31.92 15.42 30.37
C PHE A 333 33.02 14.57 30.94
N ILE A 334 33.79 15.14 31.85
CA ILE A 334 34.79 14.37 32.58
C ILE A 334 34.13 13.76 33.79
N ARG A 335 34.01 12.43 33.76
CA ARG A 335 33.46 11.66 34.88
C ARG A 335 34.59 10.94 35.60
N PRO A 336 34.33 10.48 36.83
CA PRO A 336 35.36 9.78 37.60
C PRO A 336 36.03 8.64 36.81
N ASN A 337 35.26 7.91 36.00
CA ASN A 337 35.82 6.78 35.29
C ASN A 337 36.12 6.97 33.80
N GLY A 338 35.98 8.20 33.32
CA GLY A 338 36.30 8.51 31.93
C GLY A 338 35.65 9.76 31.41
N LYS A 339 36.22 10.30 30.33
CA LYS A 339 35.63 11.43 29.62
C LYS A 339 34.65 10.87 28.61
N VAL A 340 33.42 11.36 28.66
CA VAL A 340 32.34 10.81 27.84
C VAL A 340 31.67 11.89 27.01
N ARG A 341 31.00 11.46 25.94
CA ARG A 341 30.21 12.32 25.08
C ARG A 341 28.76 11.89 25.22
N LEU A 342 27.89 12.87 25.45
CA LEU A 342 26.47 12.62 25.62
C LEU A 342 25.69 13.21 24.45
N VAL A 343 24.81 12.38 23.91
CA VAL A 343 24.01 12.71 22.73
C VAL A 343 22.59 12.24 23.01
N ASP A 344 21.62 13.05 22.60
CA ASP A 344 20.22 12.77 22.81
C ASP A 344 19.56 12.57 21.44
N ASP A 345 18.79 11.49 21.30
CA ASP A 345 18.13 11.25 20.02
C ASP A 345 16.70 10.77 20.17
N TYR A 346 15.83 11.30 19.31
CA TYR A 346 14.39 11.07 19.36
C TYR A 346 13.96 9.69 18.84
N GLY A 347 14.81 9.07 18.04
CA GLY A 347 14.53 7.78 17.43
C GLY A 347 13.84 6.82 18.37
N HIS A 348 12.69 6.28 17.94
CA HIS A 348 11.90 5.43 18.82
C HIS A 348 11.38 4.18 18.11
N HIS A 349 11.51 4.15 16.79
CA HIS A 349 11.27 2.95 16.01
C HIS A 349 12.62 2.25 15.84
N PRO A 350 12.63 0.91 15.88
CA PRO A 350 13.86 0.14 15.75
C PRO A 350 14.76 0.52 14.57
N THR A 351 14.19 0.73 13.39
CA THR A 351 14.98 1.15 12.23
C THR A 351 15.65 2.52 12.48
N GLU A 352 14.95 3.45 13.12
CA GLU A 352 15.50 4.78 13.39
C GLU A 352 16.57 4.74 14.48
N VAL A 353 16.36 3.88 15.47
CA VAL A 353 17.38 3.65 16.50
C VAL A 353 18.63 3.04 15.84
N GLY A 354 18.40 2.16 14.86
CA GLY A 354 19.48 1.55 14.10
C GLY A 354 20.29 2.58 13.31
N VAL A 355 19.58 3.50 12.68
CA VAL A 355 20.21 4.60 11.93
C VAL A 355 21.12 5.43 12.85
N THR A 356 20.61 5.76 14.03
CA THR A 356 21.35 6.51 15.03
C THR A 356 22.60 5.74 15.47
N ILE A 357 22.46 4.45 15.75
CA ILE A 357 23.61 3.66 16.15
C ILE A 357 24.67 3.63 15.04
N LYS A 358 24.22 3.48 13.79
CA LYS A 358 25.13 3.46 12.65
C LYS A 358 25.90 4.79 12.54
N ALA A 359 25.18 5.92 12.65
CA ALA A 359 25.81 7.24 12.58
C ALA A 359 26.85 7.39 13.69
N ALA A 360 26.51 6.94 14.89
CA ALA A 360 27.44 6.93 16.02
C ALA A 360 28.69 6.08 15.73
N ARG A 361 28.48 4.82 15.31
CA ARG A 361 29.58 3.92 14.97
C ARG A 361 30.54 4.53 13.96
N GLU A 362 29.98 5.15 12.93
CA GLU A 362 30.78 5.66 11.83
C GLU A 362 31.56 6.92 12.21
N GLY A 363 31.25 7.49 13.37
CA GLY A 363 31.99 8.63 13.87
C GLY A 363 32.82 8.37 15.11
N TRP A 364 32.72 7.17 15.67
CA TRP A 364 33.27 6.94 17.00
C TRP A 364 34.47 5.98 17.07
N GLY A 365 34.98 5.58 15.92
CA GLY A 365 36.17 4.74 15.86
C GLY A 365 36.05 3.43 16.62
N ASP A 366 36.99 3.18 17.52
CA ASP A 366 37.01 1.93 18.28
C ASP A 366 36.51 2.10 19.71
N LYS A 367 35.93 3.26 20.00
CA LYS A 367 35.40 3.54 21.34
C LYS A 367 33.97 3.01 21.49
N ARG A 368 33.51 2.93 22.73
CA ARG A 368 32.26 2.26 23.05
C ARG A 368 31.06 3.16 22.83
N ILE A 369 29.97 2.55 22.39
CA ILE A 369 28.69 3.23 22.41
C ILE A 369 27.87 2.64 23.54
N VAL A 370 27.46 3.52 24.45
CA VAL A 370 26.60 3.18 25.56
C VAL A 370 25.25 3.82 25.26
N ILE A 372 21.28 4.72 26.54
CA ILE A 372 20.20 4.74 27.52
C ILE A 372 18.91 4.77 26.73
N PHE A 373 18.17 3.66 26.73
CA PHE A 373 16.97 3.59 25.90
C PHE A 373 15.70 3.58 26.72
N GLN A 374 14.76 4.44 26.34
CA GLN A 374 13.46 4.45 26.96
C GLN A 374 12.43 4.11 25.88
N PRO A 375 11.80 2.95 25.97
CA PRO A 375 10.76 2.60 25.00
C PRO A 375 9.60 3.57 25.18
N HIS A 376 8.96 3.92 24.07
CA HIS A 376 7.81 4.79 24.06
C HIS A 376 6.60 3.93 23.69
N ARG A 377 5.64 3.84 24.61
CA ARG A 377 4.42 3.03 24.49
C ARG A 377 4.63 1.53 24.66
N TYR A 378 3.73 0.91 25.40
CA TYR A 378 3.70 -0.54 25.54
C TYR A 378 3.28 -1.17 24.22
N SER A 379 2.32 -0.54 23.54
CA SER A 379 1.80 -1.03 22.26
C SER A 379 2.92 -1.20 21.23
N ARG A 380 3.73 -0.17 21.08
CA ARG A 380 4.85 -0.17 20.14
C ARG A 380 5.90 -1.21 20.54
N THR A 381 6.16 -1.32 21.83
CA THR A 381 7.12 -2.29 22.35
C THR A 381 6.64 -3.70 22.03
N ARG A 382 5.34 -3.93 22.22
CA ARG A 382 4.73 -5.20 21.91
C ARG A 382 4.86 -5.52 20.43
N ASP A 383 4.48 -4.54 19.61
CA ASP A 383 4.37 -4.73 18.17
C ASP A 383 5.72 -4.93 17.49
N LEU A 384 6.75 -4.29 18.01
CA LEU A 384 8.05 -4.34 17.38
C LEU A 384 9.11 -5.00 18.26
N PHE A 385 8.65 -5.84 19.18
CA PHE A 385 9.50 -6.36 20.26
C PHE A 385 10.80 -6.99 19.75
N ASP A 386 10.68 -7.96 18.85
CA ASP A 386 11.85 -8.67 18.32
C ASP A 386 12.84 -7.71 17.65
N ASP A 387 12.31 -6.76 16.89
CA ASP A 387 13.14 -5.72 16.27
C ASP A 387 13.87 -4.84 17.29
N PHE A 388 13.20 -4.50 18.38
CA PHE A 388 13.88 -3.82 19.49
C PHE A 388 15.02 -4.66 20.07
N VAL A 389 14.75 -5.95 20.30
CA VAL A 389 15.76 -6.86 20.85
C VAL A 389 17.01 -6.85 19.96
N GLN A 390 16.80 -6.95 18.66
CA GLN A 390 17.91 -7.01 17.72
C GLN A 390 18.72 -5.71 17.64
N VAL A 391 18.03 -4.58 17.51
CA VAL A 391 18.72 -3.30 17.32
C VAL A 391 19.42 -2.85 18.61
N LEU A 392 18.75 -2.99 19.75
CA LEU A 392 19.32 -2.63 21.04
C LEU A 392 20.51 -3.50 21.42
N SER A 393 20.59 -4.67 20.82
CA SER A 393 21.67 -5.60 21.12
C SER A 393 22.96 -5.22 20.40
N GLN A 394 22.89 -4.19 19.55
CA GLN A 394 24.06 -3.74 18.77
C GLN A 394 25.00 -2.83 19.56
N VAL A 395 24.52 -2.25 20.65
CA VAL A 395 25.34 -1.33 21.43
C VAL A 395 26.30 -2.09 22.36
N ASP A 396 27.29 -1.38 22.89
CA ASP A 396 28.31 -2.02 23.72
C ASP A 396 27.89 -2.13 25.18
N ALA A 397 27.10 -1.17 25.66
CA ALA A 397 26.52 -1.22 26.99
C ALA A 397 25.13 -0.62 26.89
N LEU A 398 24.18 -1.19 27.63
CA LEU A 398 22.79 -0.74 27.52
C LEU A 398 22.15 -0.52 28.87
N ILE A 399 21.63 0.68 29.07
CA ILE A 399 20.80 0.97 30.24
C ILE A 399 19.38 1.14 29.71
N LEU A 401 15.46 2.25 30.48
CA LEU A 401 14.53 2.97 31.35
C LEU A 401 13.18 2.31 31.19
N ASP A 402 12.30 2.49 32.17
CA ASP A 402 10.97 1.92 32.09
C ASP A 402 10.25 2.53 30.90
N VAL A 403 9.31 1.77 30.34
CA VAL A 403 8.49 2.23 29.22
C VAL A 403 7.84 3.57 29.54
N TYR A 404 7.94 4.50 28.60
CA TYR A 404 7.21 5.75 28.68
C TYR A 404 5.81 5.45 28.15
N ALA A 405 4.85 5.35 29.06
CA ALA A 405 3.52 4.85 28.75
C ALA A 405 2.75 5.71 27.75
N ALA A 406 2.97 7.02 27.80
CA ALA A 406 2.18 8.00 27.05
C ALA A 406 0.67 7.72 27.15
N GLY A 407 0.20 7.46 28.37
CA GLY A 407 -1.22 7.25 28.63
C GLY A 407 -1.72 5.82 28.56
N GLU A 408 -0.90 4.92 28.02
CA GLU A 408 -1.28 3.53 27.87
C GLU A 408 -1.20 2.74 29.16
N ALA A 409 -2.14 1.81 29.34
CA ALA A 409 -2.05 0.80 30.39
C ALA A 409 -0.91 -0.15 30.06
N PRO A 410 -0.22 -0.66 31.08
CA PRO A 410 0.86 -1.65 30.83
C PRO A 410 0.34 -2.86 30.08
N ILE A 411 1.17 -3.38 29.18
CA ILE A 411 0.89 -4.65 28.51
C ILE A 411 1.90 -5.65 29.04
N VAL A 412 1.41 -6.79 29.53
CA VAL A 412 2.30 -7.83 30.06
C VAL A 412 3.17 -8.38 28.94
N GLY A 413 4.48 -8.48 29.22
CA GLY A 413 5.45 -8.97 28.27
C GLY A 413 5.97 -7.91 27.32
N ALA A 414 5.49 -6.68 27.48
CA ALA A 414 5.86 -5.57 26.61
C ALA A 414 6.39 -4.41 27.44
N ASP A 415 7.03 -4.72 28.56
CA ASP A 415 7.68 -3.70 29.38
C ASP A 415 9.20 -3.78 29.25
N SER A 416 9.88 -2.87 29.92
CA SER A 416 11.33 -2.81 29.87
C SER A 416 11.99 -4.06 30.48
N LYS A 417 11.41 -4.59 31.54
CA LYS A 417 11.89 -5.84 32.15
C LYS A 417 11.90 -6.99 31.14
N SER A 418 10.83 -7.10 30.36
CA SER A 418 10.72 -8.14 29.33
C SER A 418 11.77 -7.94 28.24
N LEU A 419 11.94 -6.70 27.79
CA LEU A 419 12.97 -6.39 26.79
C LEU A 419 14.36 -6.76 27.32
N CYS A 420 14.62 -6.38 28.57
CA CYS A 420 15.90 -6.67 29.20
C CYS A 420 16.18 -8.16 29.25
N ARG A 421 15.18 -8.94 29.66
CA ARG A 421 15.30 -10.39 29.69
C ARG A 421 15.69 -10.97 28.33
N SER A 422 14.98 -10.55 27.29
CA SER A 422 15.20 -11.09 25.95
C SER A 422 16.56 -10.69 25.39
N ILE A 423 16.95 -9.44 25.63
CA ILE A 423 18.26 -8.94 25.22
C ILE A 423 19.39 -9.67 25.96
N ARG A 424 19.27 -9.77 27.28
CA ARG A 424 20.20 -10.55 28.10
C ARG A 424 20.37 -11.95 27.54
N ASN A 425 19.24 -12.59 27.23
CA ASN A 425 19.26 -13.95 26.74
C ASN A 425 19.86 -14.09 25.34
N LEU A 426 19.74 -13.04 24.53
CA LEU A 426 20.42 -12.98 23.24
C LEU A 426 21.95 -13.01 23.45
N GLY A 427 22.40 -12.32 24.49
CA GLY A 427 23.76 -12.45 24.99
C GLY A 427 24.81 -11.55 24.37
N LYS A 428 24.39 -10.63 23.51
CA LYS A 428 25.30 -9.66 22.91
C LYS A 428 25.62 -8.53 23.88
N VAL A 429 24.60 -8.12 24.64
CA VAL A 429 24.77 -7.11 25.68
C VAL A 429 23.93 -7.50 26.91
N ASP A 430 24.42 -7.14 28.10
CA ASP A 430 23.70 -7.38 29.35
C ASP A 430 23.14 -6.06 29.86
N PRO A 431 21.84 -5.83 29.67
CA PRO A 431 21.26 -4.52 29.98
C PRO A 431 21.09 -4.30 31.47
N ILE A 432 21.14 -3.04 31.88
CA ILE A 432 20.82 -2.68 33.25
C ILE A 432 19.54 -1.86 33.21
N LEU A 433 18.54 -2.30 33.96
CA LEU A 433 17.28 -1.57 34.05
C LEU A 433 17.37 -0.57 35.19
N VAL A 434 17.10 0.69 34.86
CA VAL A 434 17.12 1.78 35.84
C VAL A 434 15.72 2.39 35.96
N SER A 435 15.05 2.09 37.07
CA SER A 435 13.69 2.54 37.30
C SER A 435 13.63 3.88 38.01
N ASP A 436 14.57 4.09 38.92
CA ASP A 436 14.67 5.36 39.63
C ASP A 436 15.73 6.15 38.86
N THR A 437 15.30 7.04 37.97
CA THR A 437 16.26 7.73 37.10
C THR A 437 17.12 8.76 37.83
N SER A 438 16.83 9.00 39.11
CA SER A 438 17.71 9.83 39.92
C SER A 438 19.03 9.08 40.11
N GLN A 439 18.99 7.77 39.89
CA GLN A 439 20.18 6.93 40.01
C GLN A 439 20.95 6.75 38.70
N LEU A 440 20.41 7.29 37.60
CA LEU A 440 20.97 7.07 36.27
C LEU A 440 22.44 7.44 36.20
N GLY A 441 22.76 8.63 36.71
CA GLY A 441 24.13 9.12 36.72
C GLY A 441 25.08 8.20 37.46
N ASP A 442 24.62 7.62 38.57
CA ASP A 442 25.46 6.71 39.35
C ASP A 442 25.70 5.43 38.59
N VAL A 443 24.63 4.86 38.02
CA VAL A 443 24.77 3.63 37.22
C VAL A 443 25.73 3.85 36.05
N LEU A 444 25.57 4.98 35.37
CA LEU A 444 26.49 5.36 34.30
C LEU A 444 27.92 5.52 34.79
N ASP A 445 28.11 6.25 35.89
CA ASP A 445 29.44 6.45 36.47
C ASP A 445 30.14 5.14 36.77
N GLN A 446 29.37 4.15 37.21
CA GLN A 446 29.92 2.83 37.51
C GLN A 446 30.44 2.13 36.27
N ILE A 447 29.74 2.29 35.15
CA ILE A 447 30.05 1.50 33.96
C ILE A 447 30.85 2.27 32.90
N ILE A 448 30.99 3.58 33.08
CA ILE A 448 31.68 4.45 32.10
C ILE A 448 33.14 4.04 31.92
N GLN A 449 33.60 4.10 30.69
CA GLN A 449 35.00 3.96 30.36
C GLN A 449 35.38 5.20 29.57
N ASP A 450 36.67 5.54 29.59
CA ASP A 450 37.15 6.69 28.86
C ASP A 450 36.77 6.58 27.38
N GLY A 451 36.25 7.67 26.83
CA GLY A 451 35.88 7.73 25.43
C GLY A 451 34.51 7.20 25.06
N ASP A 452 33.69 6.84 26.04
CA ASP A 452 32.33 6.35 25.79
C ASP A 452 31.49 7.42 25.11
N LEU A 453 30.70 6.99 24.13
CA LEU A 453 29.64 7.83 23.58
C LEU A 453 28.35 7.36 24.26
N ILE A 454 27.65 8.26 24.92
CA ILE A 454 26.42 7.88 25.61
C ILE A 454 25.24 8.41 24.81
N LEU A 455 24.45 7.49 24.26
CA LEU A 455 23.30 7.89 23.47
C LEU A 455 22.03 7.75 24.30
N ALA A 456 21.42 8.88 24.62
CA ALA A 456 20.14 8.88 25.31
C ALA A 456 19.06 8.81 24.25
N GLN A 457 18.30 7.72 24.25
CA GLN A 457 17.52 7.38 23.08
C GLN A 457 16.06 7.20 23.41
N GLY A 458 15.21 7.87 22.65
CA GLY A 458 13.77 7.64 22.75
C GLY A 458 12.94 8.89 22.61
N ALA A 459 11.62 8.71 22.49
CA ALA A 459 10.71 9.82 22.21
C ALA A 459 10.06 10.46 23.44
N GLY A 460 10.23 9.85 24.61
CA GLY A 460 9.55 10.32 25.81
C GLY A 460 10.40 11.23 26.68
N SER A 461 10.30 11.05 27.98
CA SER A 461 10.99 11.89 28.96
C SER A 461 12.51 11.66 29.06
N VAL A 462 12.99 10.64 28.35
CA VAL A 462 14.43 10.39 28.26
C VAL A 462 15.26 11.63 27.90
N SER A 463 14.75 12.47 27.00
CA SER A 463 15.48 13.69 26.63
C SER A 463 15.63 14.64 27.83
N LYS A 464 14.52 14.92 28.50
CA LYS A 464 14.52 15.74 29.70
C LYS A 464 15.44 15.14 30.77
N ILE A 465 15.34 13.82 30.94
CA ILE A 465 16.18 13.10 31.89
C ILE A 465 17.66 13.25 31.54
N SER A 466 17.99 13.15 30.25
CA SER A 466 19.39 13.25 29.81
C SER A 466 19.93 14.68 29.99
N ARG A 467 19.06 15.66 29.82
CA ARG A 467 19.45 17.06 29.99
C ARG A 467 19.64 17.39 31.46
N GLY A 468 18.85 16.74 32.32
CA GLY A 468 19.03 16.89 33.76
C GLY A 468 20.37 16.31 34.15
N LEU A 469 20.71 15.17 33.54
CA LEU A 469 22.01 14.52 33.71
C LEU A 469 23.16 15.44 33.27
N ALA A 470 23.08 15.96 32.04
CA ALA A 470 24.06 16.93 31.54
C ALA A 470 24.28 18.10 32.50
N GLU A 471 23.18 18.72 32.92
CA GLU A 471 23.22 19.85 33.84
C GLU A 471 23.97 19.54 35.13
N SER A 472 23.69 18.37 35.70
CA SER A 472 24.33 17.95 36.93
C SER A 472 25.82 17.67 36.75
N TRP A 473 26.19 17.25 35.54
CA TRP A 473 27.56 16.92 35.19
C TRP A 473 28.39 18.15 34.81
N LYS A 474 27.75 19.32 34.84
CA LYS A 474 28.41 20.57 34.48
C LYS A 474 29.08 21.22 35.68
N ARG B 9 -28.40 7.60 -16.92
CA ARG B 9 -29.69 7.35 -17.63
C ARG B 9 -29.81 8.14 -18.94
N LYS B 10 -28.88 9.07 -19.15
CA LYS B 10 -28.77 9.80 -20.41
C LYS B 10 -28.41 8.85 -21.55
N ILE B 11 -27.70 7.77 -21.21
CA ILE B 11 -27.21 6.80 -22.18
C ILE B 11 -27.99 5.48 -22.13
N ILE B 12 -28.15 4.96 -20.91
CA ILE B 12 -28.73 3.65 -20.69
C ILE B 12 -30.13 3.80 -20.12
N PRO B 13 -31.12 3.24 -20.81
CA PRO B 13 -32.51 3.34 -20.36
C PRO B 13 -32.82 2.40 -19.20
N GLU B 14 -33.89 2.70 -18.46
CA GLU B 14 -34.40 1.82 -17.42
C GLU B 14 -35.18 0.67 -18.06
N ARG B 16 -38.32 -1.43 -18.18
CA ARG B 16 -39.68 -1.07 -17.78
C ARG B 16 -40.24 -1.98 -16.69
N ARG B 17 -40.83 -1.35 -15.69
CA ARG B 17 -41.49 -2.04 -14.58
C ARG B 17 -40.57 -2.92 -13.72
N VAL B 18 -39.26 -2.81 -13.93
CA VAL B 18 -38.30 -3.52 -13.09
C VAL B 18 -37.93 -2.60 -11.92
N GLN B 19 -38.45 -2.92 -10.74
CA GLN B 19 -38.25 -2.11 -9.55
C GLN B 19 -37.13 -2.71 -8.72
N GLN B 20 -37.25 -4.00 -8.45
CA GLN B 20 -36.33 -4.70 -7.57
C GLN B 20 -35.81 -5.94 -8.27
N ILE B 21 -34.51 -6.14 -8.20
CA ILE B 21 -33.88 -7.32 -8.79
C ILE B 21 -33.33 -8.17 -7.65
N HIS B 22 -33.75 -9.43 -7.62
CA HIS B 22 -33.28 -10.35 -6.60
C HIS B 22 -32.29 -11.33 -7.18
N PHE B 23 -31.16 -11.49 -6.50
CA PHE B 23 -30.09 -12.39 -6.96
C PHE B 23 -29.98 -13.59 -6.03
N ILE B 24 -30.13 -14.78 -6.57
CA ILE B 24 -29.89 -15.98 -5.78
C ILE B 24 -28.45 -16.41 -6.02
N GLY B 25 -27.60 -16.19 -5.02
CA GLY B 25 -26.17 -16.41 -5.17
C GLY B 25 -25.45 -15.11 -5.42
N ILE B 26 -25.89 -14.06 -4.75
CA ILE B 26 -25.42 -12.69 -5.04
C ILE B 26 -23.94 -12.47 -4.74
N GLY B 27 -23.37 -13.30 -3.86
CA GLY B 27 -21.96 -13.22 -3.53
C GLY B 27 -21.02 -13.76 -4.61
N GLY B 28 -21.60 -14.30 -5.66
CA GLY B 28 -20.81 -14.90 -6.74
C GLY B 28 -19.87 -13.93 -7.44
N ALA B 29 -18.80 -14.47 -8.00
CA ALA B 29 -17.82 -13.64 -8.72
C ALA B 29 -18.47 -12.86 -9.86
N GLY B 30 -19.36 -13.52 -10.59
CA GLY B 30 -20.07 -12.87 -11.68
C GLY B 30 -21.34 -12.17 -11.22
N SER B 32 -22.15 -10.86 -8.29
CA SER B 32 -21.96 -9.66 -7.48
C SER B 32 -21.67 -8.44 -8.33
N GLY B 33 -20.91 -8.63 -9.41
CA GLY B 33 -20.59 -7.54 -10.32
C GLY B 33 -21.82 -7.00 -11.02
N ILE B 34 -22.69 -7.90 -11.48
CA ILE B 34 -23.95 -7.50 -12.11
C ILE B 34 -24.83 -6.77 -11.11
N ALA B 35 -24.90 -7.28 -9.89
CA ALA B 35 -25.69 -6.64 -8.85
C ALA B 35 -25.12 -5.25 -8.56
N GLU B 36 -23.80 -5.14 -8.57
CA GLU B 36 -23.09 -3.89 -8.40
C GLU B 36 -23.51 -2.86 -9.46
N ILE B 37 -23.46 -3.27 -10.72
CA ILE B 37 -23.86 -2.41 -11.83
C ILE B 37 -25.29 -1.92 -11.64
N LEU B 38 -26.20 -2.85 -11.40
CA LEU B 38 -27.62 -2.52 -11.32
C LEU B 38 -27.92 -1.64 -10.12
N LEU B 39 -27.23 -1.89 -9.00
CA LEU B 39 -27.37 -1.05 -7.81
C LEU B 39 -26.96 0.38 -8.10
N ASN B 40 -25.83 0.55 -8.79
CA ASN B 40 -25.35 1.88 -9.12
C ASN B 40 -26.17 2.57 -10.22
N GLU B 41 -26.90 1.77 -11.01
CA GLU B 41 -27.85 2.31 -11.98
C GLU B 41 -29.10 2.86 -11.32
N GLY B 42 -29.35 2.43 -10.08
CA GLY B 42 -30.48 2.94 -9.32
C GLY B 42 -31.57 1.93 -9.00
N TYR B 43 -31.39 0.68 -9.43
CA TYR B 43 -32.37 -0.36 -9.09
C TYR B 43 -32.29 -0.75 -7.63
N GLN B 44 -33.42 -1.17 -7.07
CA GLN B 44 -33.44 -1.79 -5.75
C GLN B 44 -32.93 -3.21 -5.91
N ILE B 45 -32.01 -3.59 -5.04
CA ILE B 45 -31.33 -4.86 -5.17
C ILE B 45 -31.51 -5.67 -3.90
N SER B 46 -31.89 -6.94 -4.04
CA SER B 46 -31.88 -7.89 -2.94
C SER B 46 -31.14 -9.14 -3.40
N GLY B 47 -30.76 -9.97 -2.45
CA GLY B 47 -30.04 -11.17 -2.80
C GLY B 47 -29.81 -12.07 -1.61
N SER B 48 -29.57 -13.33 -1.92
CA SER B 48 -29.22 -14.29 -0.89
C SER B 48 -27.93 -14.97 -1.28
N ASP B 49 -27.18 -15.39 -0.28
CA ASP B 49 -26.01 -16.22 -0.51
C ASP B 49 -25.80 -17.08 0.72
N ILE B 50 -25.07 -18.18 0.57
CA ILE B 50 -24.80 -19.06 1.71
C ILE B 50 -23.56 -18.62 2.47
N ALA B 51 -22.87 -17.59 1.97
CA ALA B 51 -21.63 -17.10 2.57
C ALA B 51 -21.60 -15.58 2.62
N ASP B 52 -21.21 -15.03 3.77
CA ASP B 52 -21.00 -13.60 3.89
C ASP B 52 -19.51 -13.30 3.78
N GLY B 53 -19.18 -12.37 2.90
CA GLY B 53 -17.79 -11.95 2.75
C GLY B 53 -17.68 -10.50 2.36
N VAL B 54 -16.48 -10.13 1.95
CA VAL B 54 -16.19 -8.77 1.48
C VAL B 54 -17.22 -8.32 0.45
N VAL B 55 -17.54 -9.19 -0.50
CA VAL B 55 -18.41 -8.84 -1.61
C VAL B 55 -19.84 -8.48 -1.17
N THR B 56 -20.48 -9.36 -0.41
CA THR B 56 -21.84 -9.11 0.08
C THR B 56 -21.90 -7.95 1.07
N GLN B 57 -20.85 -7.80 1.88
CA GLN B 57 -20.76 -6.68 2.82
C GLN B 57 -20.70 -5.35 2.08
N ARG B 58 -19.92 -5.30 1.01
CA ARG B 58 -19.84 -4.09 0.19
C ARG B 58 -21.18 -3.76 -0.46
N LEU B 59 -21.88 -4.79 -0.94
CA LEU B 59 -23.21 -4.60 -1.52
C LEU B 59 -24.22 -4.12 -0.48
N ALA B 60 -24.18 -4.72 0.71
CA ALA B 60 -25.09 -4.35 1.80
C ALA B 60 -24.84 -2.91 2.26
N GLN B 61 -23.56 -2.53 2.30
CA GLN B 61 -23.13 -1.18 2.65
C GLN B 61 -23.67 -0.14 1.66
N ALA B 62 -23.82 -0.56 0.41
CA ALA B 62 -24.34 0.29 -0.66
C ALA B 62 -25.86 0.23 -0.82
N GLY B 63 -26.54 -0.40 0.11
CA GLY B 63 -27.99 -0.42 0.13
C GLY B 63 -28.68 -1.65 -0.43
N ALA B 64 -27.90 -2.62 -0.91
CA ALA B 64 -28.48 -3.91 -1.30
C ALA B 64 -28.97 -4.64 -0.05
N LYS B 65 -30.12 -5.29 -0.16
CA LYS B 65 -30.67 -6.05 0.95
C LYS B 65 -30.17 -7.48 0.80
N ILE B 66 -29.25 -7.89 1.68
CA ILE B 66 -28.59 -9.20 1.54
C ILE B 66 -29.01 -10.15 2.66
N TYR B 67 -29.38 -11.36 2.27
CA TYR B 67 -29.77 -12.39 3.21
C TYR B 67 -28.75 -13.50 3.13
N ILE B 68 -28.35 -14.03 4.29
CA ILE B 68 -27.44 -15.16 4.33
C ILE B 68 -28.26 -16.41 4.64
N GLY B 69 -28.16 -17.41 3.77
CA GLY B 69 -29.02 -18.57 3.81
C GLY B 69 -30.20 -18.33 2.90
N HIS B 70 -30.82 -19.41 2.43
CA HIS B 70 -31.93 -19.30 1.49
C HIS B 70 -33.25 -19.50 2.19
N ALA B 71 -34.25 -18.73 1.77
CA ALA B 71 -35.61 -18.80 2.31
C ALA B 71 -36.58 -18.16 1.33
N GLU B 72 -37.73 -18.78 1.12
CA GLU B 72 -38.72 -18.26 0.16
C GLU B 72 -39.05 -16.78 0.37
N GLU B 73 -39.09 -16.34 1.63
CA GLU B 73 -39.41 -14.96 2.01
C GLU B 73 -38.42 -13.92 1.45
N HIS B 74 -37.20 -14.35 1.15
CA HIS B 74 -36.15 -13.46 0.66
C HIS B 74 -36.47 -12.81 -0.70
N ILE B 75 -37.39 -13.42 -1.46
CA ILE B 75 -37.73 -12.90 -2.80
C ILE B 75 -38.80 -11.79 -2.77
N GLU B 76 -39.46 -11.61 -1.64
CA GLU B 76 -40.53 -10.60 -1.52
C GLU B 76 -40.12 -9.26 -2.16
N GLY B 77 -41.00 -8.73 -3.01
CA GLY B 77 -40.76 -7.47 -3.68
C GLY B 77 -40.09 -7.56 -5.04
N ALA B 78 -39.47 -8.70 -5.35
CA ALA B 78 -38.71 -8.87 -6.58
C ALA B 78 -39.55 -8.74 -7.86
N SER B 79 -39.05 -7.93 -8.80
CA SER B 79 -39.65 -7.79 -10.12
C SER B 79 -39.11 -8.89 -11.03
N VAL B 80 -37.87 -9.30 -10.75
CA VAL B 80 -37.19 -10.33 -11.53
C VAL B 80 -36.16 -10.98 -10.61
N VAL B 81 -35.94 -12.27 -10.83
CA VAL B 81 -35.00 -13.04 -10.03
C VAL B 81 -33.89 -13.53 -10.96
N VAL B 82 -32.65 -13.24 -10.55
CA VAL B 82 -31.47 -13.62 -11.32
C VAL B 82 -30.76 -14.74 -10.56
N VAL B 83 -30.40 -15.80 -11.27
CA VAL B 83 -29.94 -17.03 -10.63
C VAL B 83 -28.55 -17.43 -11.13
N SER B 84 -27.65 -17.71 -10.20
CA SER B 84 -26.33 -18.25 -10.55
C SER B 84 -26.50 -19.72 -10.94
N SER B 85 -25.63 -20.21 -11.81
CA SER B 85 -25.63 -21.63 -12.17
C SER B 85 -25.21 -22.55 -11.01
N ALA B 86 -24.71 -21.95 -9.93
CA ALA B 86 -24.34 -22.67 -8.70
C ALA B 86 -25.58 -23.10 -7.92
N ILE B 87 -26.71 -22.44 -8.18
CA ILE B 87 -27.94 -22.69 -7.44
C ILE B 87 -28.62 -23.99 -7.85
N LYS B 88 -29.04 -24.77 -6.85
CA LYS B 88 -29.74 -26.04 -7.07
C LYS B 88 -31.21 -25.84 -7.45
N ASP B 89 -31.74 -26.77 -8.24
CA ASP B 89 -33.14 -26.72 -8.69
C ASP B 89 -34.16 -26.72 -7.55
N ASP B 90 -33.75 -27.24 -6.39
CA ASP B 90 -34.65 -27.31 -5.24
C ASP B 90 -34.54 -26.09 -4.32
N ASN B 91 -33.74 -25.11 -4.72
CA ASN B 91 -33.55 -23.89 -3.93
C ASN B 91 -34.90 -23.20 -3.68
N PRO B 92 -35.20 -22.87 -2.42
CA PRO B 92 -36.54 -22.37 -2.05
C PRO B 92 -36.92 -21.04 -2.70
N GLU B 93 -35.95 -20.15 -2.85
CA GLU B 93 -36.20 -18.87 -3.50
C GLU B 93 -36.48 -19.07 -4.98
N LEU B 94 -35.77 -20.01 -5.58
CA LEU B 94 -35.95 -20.34 -7.00
C LEU B 94 -37.33 -20.96 -7.20
N VAL B 95 -37.63 -21.99 -6.42
CA VAL B 95 -38.89 -22.71 -6.51
C VAL B 95 -40.09 -21.78 -6.33
N THR B 96 -40.01 -20.90 -5.34
CA THR B 96 -41.12 -20.01 -5.02
C THR B 96 -41.29 -18.93 -6.08
N SER B 97 -40.17 -18.45 -6.61
CA SER B 97 -40.19 -17.47 -7.69
C SER B 97 -40.96 -18.02 -8.89
N LYS B 98 -40.67 -19.27 -9.26
CA LYS B 98 -41.36 -19.94 -10.37
C LYS B 98 -42.83 -20.11 -10.05
N GLN B 99 -43.12 -20.47 -8.80
CA GLN B 99 -44.50 -20.59 -8.30
C GLN B 99 -45.28 -19.28 -8.39
N LYS B 100 -44.60 -18.16 -8.10
CA LYS B 100 -45.24 -16.85 -8.07
C LYS B 100 -45.24 -16.19 -9.45
N ARG B 101 -44.68 -16.90 -10.43
CA ARG B 101 -44.57 -16.43 -11.82
C ARG B 101 -43.78 -15.12 -11.94
N ILE B 102 -42.78 -14.98 -11.09
CA ILE B 102 -41.81 -13.89 -11.18
C ILE B 102 -40.78 -14.36 -12.20
N PRO B 103 -40.45 -13.54 -13.19
CA PRO B 103 -39.45 -13.91 -14.21
C PRO B 103 -38.15 -14.34 -13.54
N VAL B 104 -37.66 -15.52 -13.90
CA VAL B 104 -36.42 -16.07 -13.36
C VAL B 104 -35.45 -16.17 -14.55
N ILE B 105 -34.31 -15.48 -14.44
CA ILE B 105 -33.35 -15.48 -15.54
C ILE B 105 -31.94 -15.83 -15.07
N GLN B 106 -31.16 -16.43 -15.96
CA GLN B 106 -29.77 -16.76 -15.66
C GLN B 106 -28.96 -15.49 -15.50
N ARG B 107 -27.91 -15.56 -14.69
CA ARG B 107 -26.90 -14.50 -14.58
C ARG B 107 -26.53 -13.88 -15.94
N ALA B 108 -26.21 -14.73 -16.92
CA ALA B 108 -25.76 -14.23 -18.23
C ALA B 108 -26.85 -13.49 -19.01
N GLN B 109 -28.11 -13.81 -18.77
CA GLN B 109 -29.21 -13.07 -19.36
C GLN B 109 -29.30 -11.64 -18.77
N LEU B 111 -26.65 -10.10 -17.53
CA LEU B 111 -25.45 -9.52 -18.14
C LEU B 111 -25.76 -9.05 -19.57
N ALA B 112 -26.51 -9.87 -20.31
CA ALA B 112 -26.91 -9.51 -21.66
C ALA B 112 -27.74 -8.23 -21.69
N GLU B 113 -28.63 -8.06 -20.70
CA GLU B 113 -29.41 -6.83 -20.61
C GLU B 113 -28.54 -5.60 -20.33
N ILE B 114 -27.51 -5.79 -19.50
CA ILE B 114 -26.51 -4.74 -19.26
C ILE B 114 -25.76 -4.43 -20.57
N ARG B 116 -27.01 -4.93 -23.67
CA ARG B 116 -27.93 -4.66 -24.78
C ARG B 116 -27.74 -3.29 -25.45
N PHE B 117 -27.66 -2.25 -24.63
CA PHE B 117 -27.52 -0.88 -25.15
C PHE B 117 -26.11 -0.33 -24.99
N ARG B 118 -25.16 -1.23 -24.77
CA ARG B 118 -23.77 -0.84 -24.63
C ARG B 118 -22.92 -1.40 -25.77
N HIS B 119 -21.72 -0.87 -25.92
CA HIS B 119 -20.74 -1.45 -26.83
C HIS B 119 -20.04 -2.56 -26.08
N GLY B 120 -20.50 -3.79 -26.29
CA GLY B 120 -20.02 -4.93 -25.53
C GLY B 120 -18.75 -5.54 -26.08
N ILE B 121 -17.76 -5.67 -25.20
CA ILE B 121 -16.56 -6.44 -25.50
C ILE B 121 -16.56 -7.66 -24.60
N ALA B 122 -16.81 -8.80 -25.21
CA ALA B 122 -17.02 -10.04 -24.47
C ALA B 122 -15.76 -10.85 -24.58
N VAL B 123 -15.27 -11.31 -23.43
CA VAL B 123 -14.04 -12.09 -23.40
C VAL B 123 -14.41 -13.54 -23.06
N ALA B 124 -14.24 -14.41 -24.05
CA ALA B 124 -14.53 -15.84 -23.94
C ALA B 124 -13.25 -16.65 -24.16
N GLY B 125 -13.38 -17.97 -24.04
CA GLY B 125 -12.26 -18.87 -24.12
C GLY B 125 -12.21 -19.74 -22.86
N THR B 126 -11.42 -20.79 -22.89
CA THR B 126 -11.32 -21.68 -21.74
C THR B 126 -10.55 -21.04 -20.58
N HIS B 127 -9.39 -20.46 -20.88
CA HIS B 127 -8.45 -19.93 -19.88
C HIS B 127 -8.14 -18.47 -20.16
N GLY B 128 -7.77 -17.73 -19.11
CA GLY B 128 -7.26 -16.38 -19.27
C GLY B 128 -8.30 -15.27 -19.36
N LYS B 129 -9.58 -15.61 -19.19
CA LYS B 129 -10.65 -14.64 -19.42
C LYS B 129 -10.66 -13.52 -18.40
N THR B 130 -10.42 -13.88 -17.14
CA THR B 130 -10.46 -12.90 -16.06
C THR B 130 -9.30 -11.91 -16.18
N THR B 131 -8.13 -12.43 -16.50
CA THR B 131 -6.97 -11.57 -16.67
C THR B 131 -7.17 -10.67 -17.89
N THR B 132 -7.64 -11.26 -18.98
CA THR B 132 -7.79 -10.53 -20.23
C THR B 132 -8.84 -9.43 -20.08
N THR B 133 -9.97 -9.77 -19.45
CA THR B 133 -11.01 -8.79 -19.15
C THR B 133 -10.45 -7.64 -18.31
N ALA B 134 -9.69 -7.99 -17.27
CA ALA B 134 -9.10 -6.97 -16.40
C ALA B 134 -8.18 -6.06 -17.21
N ILE B 136 -8.19 -5.43 -20.55
CA ILE B 136 -8.97 -4.58 -21.46
C ILE B 136 -9.62 -3.45 -20.66
N SER B 137 -10.20 -3.79 -19.51
CA SER B 137 -10.84 -2.79 -18.64
C SER B 137 -9.85 -1.67 -18.24
N ILE B 139 -7.02 -0.84 -19.79
CA ILE B 139 -6.63 -0.08 -20.99
C ILE B 139 -7.68 0.97 -21.30
N TYR B 140 -8.94 0.56 -21.33
CA TYR B 140 -10.03 1.49 -21.65
C TYR B 140 -10.18 2.57 -20.59
N THR B 141 -9.89 2.22 -19.34
CA THR B 141 -9.87 3.18 -18.23
C THR B 141 -8.75 4.20 -18.39
N GLN B 142 -7.57 3.70 -18.75
CA GLN B 142 -6.40 4.54 -18.97
C GLN B 142 -6.59 5.48 -20.16
N ALA B 143 -7.31 4.99 -21.17
CA ALA B 143 -7.66 5.77 -22.35
C ALA B 143 -8.71 6.84 -22.05
N LYS B 144 -9.18 6.87 -20.79
CA LYS B 144 -10.19 7.84 -20.34
C LYS B 144 -11.55 7.61 -21.02
N LEU B 145 -11.86 6.34 -21.24
CA LEU B 145 -13.12 5.98 -21.89
C LEU B 145 -14.18 5.58 -20.87
N ASP B 146 -13.78 5.50 -19.61
CA ASP B 146 -14.70 5.31 -18.50
C ASP B 146 -15.63 4.13 -18.75
N PRO B 147 -15.06 2.95 -18.99
CA PRO B 147 -15.88 1.79 -19.32
C PRO B 147 -16.64 1.26 -18.11
N THR B 148 -17.74 0.60 -18.39
CA THR B 148 -18.30 -0.34 -17.44
C THR B 148 -17.58 -1.65 -17.65
N PHE B 149 -17.28 -2.36 -16.58
CA PHE B 149 -16.75 -3.71 -16.73
C PHE B 149 -17.39 -4.65 -15.72
N VAL B 150 -17.49 -5.92 -16.11
CA VAL B 150 -18.00 -6.97 -15.24
C VAL B 150 -17.04 -8.14 -15.43
N ASN B 151 -16.16 -8.35 -14.46
CA ASN B 151 -15.14 -9.39 -14.53
C ASN B 151 -15.50 -10.56 -13.61
N GLY B 152 -14.90 -11.72 -13.86
CA GLY B 152 -15.16 -12.89 -13.03
C GLY B 152 -14.18 -13.01 -11.89
N GLY B 153 -13.51 -11.90 -11.58
CA GLY B 153 -12.56 -11.82 -10.50
C GLY B 153 -12.20 -10.37 -10.26
N LEU B 154 -11.49 -10.12 -9.17
CA LEU B 154 -11.09 -8.77 -8.81
C LEU B 154 -10.22 -8.13 -9.87
N VAL B 155 -10.54 -6.89 -10.24
CA VAL B 155 -9.61 -6.05 -10.97
C VAL B 155 -8.87 -5.31 -9.87
N LYS B 156 -7.60 -5.68 -9.67
CA LYS B 156 -6.89 -5.26 -8.47
C LYS B 156 -6.76 -3.75 -8.33
N SER B 157 -6.50 -3.07 -9.46
CA SER B 157 -6.40 -1.60 -9.45
C SER B 157 -7.70 -0.97 -8.97
N ALA B 158 -8.82 -1.62 -9.27
CA ALA B 158 -10.14 -1.10 -8.94
C ALA B 158 -10.65 -1.55 -7.56
N GLY B 159 -10.14 -2.68 -7.07
CA GLY B 159 -10.56 -3.24 -5.79
C GLY B 159 -11.93 -3.90 -5.84
N LYS B 160 -12.38 -4.25 -7.05
CA LYS B 160 -13.73 -4.77 -7.29
C LYS B 160 -13.76 -5.56 -8.58
N ASN B 161 -14.78 -6.41 -8.74
CA ASN B 161 -14.90 -7.23 -9.95
C ASN B 161 -15.59 -6.45 -11.06
N ALA B 162 -16.32 -5.41 -10.69
CA ALA B 162 -17.17 -4.70 -11.62
C ALA B 162 -17.27 -3.23 -11.27
N HIS B 163 -17.55 -2.43 -12.29
CA HIS B 163 -17.65 -0.99 -12.09
C HIS B 163 -18.56 -0.42 -13.16
N LEU B 164 -19.46 0.47 -12.76
CA LEU B 164 -20.33 1.19 -13.68
C LEU B 164 -19.65 2.46 -14.16
N GLY B 165 -19.39 2.54 -15.46
CA GLY B 165 -18.84 3.74 -16.06
C GLY B 165 -19.93 4.54 -16.72
N ALA B 166 -19.64 5.81 -17.05
CA ALA B 166 -20.63 6.71 -17.64
C ALA B 166 -20.70 6.65 -19.16
N SER B 167 -19.90 5.77 -19.75
CA SER B 167 -19.83 5.64 -21.19
C SER B 167 -20.71 4.50 -21.70
N ARG B 168 -20.63 4.26 -23.00
CA ARG B 168 -21.34 3.14 -23.63
C ARG B 168 -20.55 1.83 -23.58
N TYR B 169 -19.30 1.87 -23.15
CA TYR B 169 -18.44 0.68 -23.24
C TYR B 169 -18.74 -0.32 -22.13
N LEU B 170 -18.79 -1.60 -22.48
CA LEU B 170 -18.89 -2.66 -21.49
C LEU B 170 -17.87 -3.75 -21.80
N ILE B 171 -16.99 -4.01 -20.84
CA ILE B 171 -16.04 -5.11 -20.96
C ILE B 171 -16.51 -6.18 -20.00
N ALA B 172 -16.77 -7.38 -20.51
CA ALA B 172 -17.35 -8.44 -19.69
C ALA B 172 -16.77 -9.81 -20.00
N GLU B 173 -16.48 -10.56 -18.95
CA GLU B 173 -16.13 -11.98 -19.06
C GLU B 173 -17.37 -12.76 -19.49
N ALA B 174 -17.18 -13.64 -20.47
CA ALA B 174 -18.27 -14.42 -21.06
C ALA B 174 -18.03 -15.91 -20.79
N ASP B 175 -18.80 -16.44 -19.84
CA ASP B 175 -18.64 -17.82 -19.36
C ASP B 175 -19.29 -18.84 -20.29
N GLU B 176 -18.52 -19.85 -20.69
CA GLU B 176 -19.00 -20.94 -21.52
C GLU B 176 -19.36 -22.18 -20.71
N SER B 177 -19.10 -22.13 -19.40
CA SER B 177 -19.23 -23.32 -18.54
C SER B 177 -20.62 -23.94 -18.55
N ASP B 178 -21.63 -23.10 -18.78
CA ASP B 178 -23.02 -23.54 -18.81
C ASP B 178 -23.67 -23.16 -20.13
N ALA B 179 -22.82 -22.80 -21.10
CA ALA B 179 -23.24 -22.30 -22.43
C ALA B 179 -24.04 -20.99 -22.39
N SER B 180 -24.04 -20.34 -21.23
CA SER B 180 -24.90 -19.17 -21.03
C SER B 180 -24.41 -17.90 -21.75
N PHE B 181 -23.15 -17.89 -22.19
CA PHE B 181 -22.65 -16.78 -23.01
C PHE B 181 -23.41 -16.54 -24.33
N LEU B 182 -24.19 -17.53 -24.75
CA LEU B 182 -25.07 -17.38 -25.93
C LEU B 182 -26.10 -16.26 -25.79
N HIS B 183 -26.37 -15.84 -24.56
CA HIS B 183 -27.29 -14.71 -24.32
C HIS B 183 -26.67 -13.39 -24.78
N LEU B 184 -25.34 -13.34 -24.78
CA LEU B 184 -24.63 -12.09 -25.00
C LEU B 184 -24.60 -11.65 -26.46
N GLN B 185 -24.85 -10.37 -26.68
CA GLN B 185 -24.79 -9.78 -28.03
C GLN B 185 -23.73 -8.68 -28.08
N PRO B 186 -22.46 -9.08 -28.23
CA PRO B 186 -21.34 -8.14 -28.20
C PRO B 186 -21.05 -7.44 -29.51
N VAL B 188 -17.64 -6.82 -30.01
CA VAL B 188 -16.31 -7.42 -30.14
C VAL B 188 -16.28 -8.63 -29.22
N SER B 189 -15.86 -9.78 -29.76
CA SER B 189 -15.69 -10.98 -28.96
C SER B 189 -14.27 -11.50 -29.04
N VAL B 190 -13.64 -11.65 -27.87
CA VAL B 190 -12.32 -12.25 -27.78
C VAL B 190 -12.48 -13.75 -27.49
N VAL B 191 -11.72 -14.60 -28.18
CA VAL B 191 -11.64 -16.01 -27.78
C VAL B 191 -10.18 -16.34 -27.54
N THR B 192 -9.85 -16.64 -26.28
CA THR B 192 -8.45 -16.78 -25.87
C THR B 192 -7.88 -18.12 -26.27
N ASN B 193 -8.72 -19.14 -26.22
CA ASN B 193 -8.29 -20.51 -26.46
C ASN B 193 -9.47 -21.43 -26.27
N GLU B 195 -10.00 -25.45 -24.88
CA GLU B 195 -9.54 -26.75 -24.41
C GLU B 195 -10.70 -27.34 -23.61
N PRO B 196 -10.77 -28.67 -23.54
CA PRO B 196 -11.84 -29.33 -22.79
C PRO B 196 -11.87 -28.96 -21.30
N ASP B 197 -12.95 -28.30 -20.90
CA ASP B 197 -13.28 -28.12 -19.49
C ASP B 197 -14.79 -28.00 -19.45
N HIS B 198 -15.41 -28.22 -18.28
CA HIS B 198 -16.86 -28.12 -18.16
C HIS B 198 -17.58 -29.08 -19.12
N ASP B 200 -19.31 -31.81 -18.93
CA ASP B 200 -20.67 -32.25 -18.61
C ASP B 200 -21.70 -31.43 -19.41
N THR B 201 -21.43 -30.13 -19.51
CA THR B 201 -22.29 -29.20 -20.25
C THR B 201 -22.39 -29.54 -21.73
N TYR B 202 -21.30 -30.08 -22.29
CA TYR B 202 -21.23 -30.41 -23.72
C TYR B 202 -21.29 -31.91 -23.97
N GLU B 203 -21.86 -32.63 -23.01
CA GLU B 203 -22.09 -34.06 -23.11
C GLU B 203 -20.81 -34.82 -23.44
N GLY B 204 -19.70 -34.33 -22.91
CA GLY B 204 -18.39 -34.96 -23.11
C GLY B 204 -17.89 -34.87 -24.54
N ASP B 205 -18.53 -34.01 -25.33
CA ASP B 205 -18.27 -33.91 -26.76
C ASP B 205 -17.63 -32.57 -27.10
N PHE B 206 -16.34 -32.59 -27.39
CA PHE B 206 -15.59 -31.38 -27.70
C PHE B 206 -16.12 -30.65 -28.93
N GLU B 207 -16.71 -31.41 -29.85
CA GLU B 207 -17.28 -30.83 -31.06
C GLU B 207 -18.53 -30.01 -30.76
N LYS B 208 -19.24 -30.40 -29.71
CA LYS B 208 -20.38 -29.60 -29.23
C LYS B 208 -19.90 -28.27 -28.64
N LYS B 210 -17.16 -26.78 -29.59
CA LYS B 210 -16.73 -26.06 -30.80
C LYS B 210 -17.92 -25.41 -31.49
N ALA B 211 -19.00 -26.16 -31.68
CA ALA B 211 -20.20 -25.62 -32.32
C ALA B 211 -20.77 -24.48 -31.50
N THR B 212 -20.70 -24.60 -30.18
CA THR B 212 -21.28 -23.59 -29.28
C THR B 212 -20.51 -22.28 -29.35
N TYR B 213 -19.18 -22.36 -29.43
CA TYR B 213 -18.38 -21.15 -29.62
C TYR B 213 -18.67 -20.48 -30.95
N VAL B 214 -18.88 -21.29 -31.98
CA VAL B 214 -19.22 -20.75 -33.30
C VAL B 214 -20.55 -20.00 -33.21
N LYS B 215 -21.55 -20.63 -32.59
CA LYS B 215 -22.85 -20.00 -32.33
C LYS B 215 -22.67 -18.68 -31.58
N PHE B 216 -21.82 -18.70 -30.55
CA PHE B 216 -21.52 -17.49 -29.78
C PHE B 216 -20.96 -16.40 -30.70
N LEU B 217 -20.01 -16.75 -31.54
CA LEU B 217 -19.41 -15.77 -32.44
C LEU B 217 -20.41 -15.25 -33.47
N HIS B 218 -21.39 -16.07 -33.82
CA HIS B 218 -22.48 -15.66 -34.69
C HIS B 218 -23.46 -14.65 -34.07
N ASN B 219 -23.33 -14.38 -32.77
CA ASN B 219 -24.10 -13.30 -32.12
C ASN B 219 -23.56 -11.92 -32.46
N LEU B 220 -22.32 -11.86 -32.91
CA LEU B 220 -21.75 -10.60 -33.38
C LEU B 220 -22.58 -10.09 -34.54
N PRO B 221 -22.72 -8.77 -34.65
CA PRO B 221 -23.32 -8.15 -35.83
C PRO B 221 -22.46 -8.47 -37.05
N PHE B 222 -22.99 -8.27 -38.25
CA PHE B 222 -22.22 -8.56 -39.46
C PHE B 222 -20.89 -7.80 -39.47
N TYR B 223 -20.87 -6.63 -38.84
CA TYR B 223 -19.71 -5.76 -38.79
C TYR B 223 -18.87 -5.99 -37.53
N GLY B 224 -19.28 -6.95 -36.70
CA GLY B 224 -18.61 -7.22 -35.43
C GLY B 224 -17.25 -7.85 -35.60
N LEU B 225 -16.48 -7.87 -34.52
CA LEU B 225 -15.10 -8.34 -34.62
C LEU B 225 -14.84 -9.49 -33.67
N ALA B 226 -14.21 -10.54 -34.18
CA ALA B 226 -13.75 -11.65 -33.35
C ALA B 226 -12.24 -11.57 -33.25
N VAL B 227 -11.74 -11.59 -32.02
CA VAL B 227 -10.29 -11.54 -31.79
C VAL B 227 -9.90 -12.88 -31.20
N CYS B 229 -6.98 -16.22 -30.62
CA CYS B 229 -5.57 -16.59 -30.50
C CYS B 229 -5.10 -17.45 -31.66
N ALA B 230 -4.10 -16.94 -32.37
CA ALA B 230 -3.51 -17.60 -33.54
C ALA B 230 -2.75 -18.87 -33.17
N ASP B 231 -2.37 -18.97 -31.89
CA ASP B 231 -1.54 -20.08 -31.43
C ASP B 231 -2.38 -21.29 -31.04
N ASP B 232 -3.70 -21.13 -31.12
CA ASP B 232 -4.62 -22.20 -30.76
C ASP B 232 -5.14 -22.87 -32.03
N PRO B 233 -4.72 -24.11 -32.28
CA PRO B 233 -5.08 -24.82 -33.51
C PRO B 233 -6.59 -25.02 -33.68
N VAL B 234 -7.32 -25.18 -32.58
CA VAL B 234 -8.76 -25.37 -32.63
C VAL B 234 -9.42 -24.11 -33.14
N LEU B 235 -9.03 -22.97 -32.55
CA LEU B 235 -9.54 -21.66 -32.96
C LEU B 235 -9.29 -21.38 -34.43
N GLU B 237 -8.75 -23.54 -36.79
CA GLU B 237 -9.59 -24.50 -37.51
C GLU B 237 -11.03 -23.98 -37.68
N LEU B 238 -11.48 -23.22 -36.69
CA LEU B 238 -12.84 -22.68 -36.69
C LEU B 238 -13.01 -21.36 -37.47
N VAL B 239 -11.90 -20.70 -37.78
CA VAL B 239 -11.96 -19.38 -38.43
C VAL B 239 -12.87 -19.34 -39.68
N PRO B 240 -12.77 -20.32 -40.59
CA PRO B 240 -13.66 -20.35 -41.76
C PRO B 240 -15.15 -20.42 -41.44
N LYS B 241 -15.51 -20.85 -40.23
CA LYS B 241 -16.92 -20.99 -39.82
C LYS B 241 -17.50 -19.72 -39.19
N VAL B 242 -16.65 -18.74 -38.91
CA VAL B 242 -17.07 -17.57 -38.11
C VAL B 242 -17.98 -16.60 -38.90
N GLY B 243 -17.56 -16.23 -40.11
CA GLY B 243 -18.40 -15.39 -40.96
C GLY B 243 -18.49 -13.95 -40.49
N ARG B 244 -17.48 -13.53 -39.74
CA ARG B 244 -17.30 -12.16 -39.29
C ARG B 244 -15.82 -11.91 -39.38
N GLN B 245 -15.42 -10.64 -39.39
CA GLN B 245 -13.98 -10.33 -39.40
C GLN B 245 -13.30 -11.00 -38.21
N VAL B 246 -12.21 -11.71 -38.49
CA VAL B 246 -11.39 -12.33 -37.45
C VAL B 246 -10.03 -11.66 -37.47
N ILE B 247 -9.62 -11.17 -36.29
CA ILE B 247 -8.27 -10.68 -36.08
C ILE B 247 -7.59 -11.66 -35.14
N THR B 248 -6.38 -12.08 -35.49
CA THR B 248 -5.67 -13.03 -34.64
C THR B 248 -4.48 -12.41 -33.95
N TYR B 249 -4.04 -13.06 -32.88
CA TYR B 249 -2.90 -12.62 -32.12
C TYR B 249 -2.17 -13.84 -31.60
N GLY B 250 -0.86 -13.69 -31.41
CA GLY B 250 -0.08 -14.75 -30.81
C GLY B 250 1.36 -14.71 -31.28
N PHE B 251 2.09 -15.79 -30.98
CA PHE B 251 3.48 -15.93 -31.39
C PHE B 251 3.60 -16.46 -32.82
N SER B 252 2.50 -17.02 -33.33
CA SER B 252 2.45 -17.55 -34.69
C SER B 252 2.94 -16.53 -35.71
N GLU B 253 3.73 -16.98 -36.67
CA GLU B 253 4.17 -16.11 -37.76
C GLU B 253 2.98 -15.54 -38.56
N GLN B 254 1.85 -16.24 -38.53
CA GLN B 254 0.64 -15.85 -39.27
C GLN B 254 -0.31 -14.94 -38.48
N ALA B 255 0.04 -14.63 -37.23
CA ALA B 255 -0.81 -13.77 -36.39
C ALA B 255 -0.91 -12.34 -36.92
N ASP B 256 -2.11 -11.77 -36.87
CA ASP B 256 -2.30 -10.36 -37.23
C ASP B 256 -1.57 -9.43 -36.29
N TYR B 257 -1.72 -9.69 -34.99
CA TYR B 257 -0.92 -9.03 -33.97
C TYR B 257 0.06 -10.07 -33.46
N ARG B 258 1.31 -9.97 -33.89
CA ARG B 258 2.32 -10.99 -33.65
C ARG B 258 3.25 -10.59 -32.52
N ILE B 259 3.47 -11.50 -31.58
CA ILE B 259 4.37 -11.26 -30.47
C ILE B 259 5.77 -11.74 -30.84
N GLU B 260 6.76 -10.89 -30.64
CA GLU B 260 8.15 -11.29 -30.92
C GLU B 260 9.07 -10.95 -29.76
N ASP B 261 10.16 -11.69 -29.66
CA ASP B 261 11.25 -11.37 -28.75
C ASP B 261 10.80 -11.37 -27.30
N TYR B 262 9.96 -12.34 -26.93
CA TYR B 262 9.49 -12.41 -25.55
C TYR B 262 10.62 -12.79 -24.60
N GLU B 263 10.77 -12.02 -23.54
CA GLU B 263 11.65 -12.35 -22.42
C GLU B 263 10.96 -12.06 -21.10
N GLN B 264 11.10 -12.98 -20.14
CA GLN B 264 10.63 -12.72 -18.78
C GLN B 264 11.81 -12.36 -17.89
N THR B 265 11.70 -11.21 -17.23
CA THR B 265 12.70 -10.76 -16.26
C THR B 265 12.02 -10.57 -14.91
N GLY B 266 12.43 -11.36 -13.93
CA GLY B 266 11.69 -11.44 -12.67
C GLY B 266 10.31 -11.95 -13.00
N PHE B 267 9.28 -11.17 -12.67
CA PHE B 267 7.91 -11.52 -13.04
C PHE B 267 7.27 -10.48 -13.96
N GLN B 268 8.11 -9.84 -14.77
CA GLN B 268 7.62 -8.95 -15.82
C GLN B 268 7.94 -9.53 -17.19
N GLY B 269 7.05 -9.28 -18.14
CA GLY B 269 7.27 -9.66 -19.53
C GLY B 269 7.75 -8.48 -20.37
N HIS B 270 8.65 -8.77 -21.31
CA HIS B 270 9.13 -7.78 -22.26
C HIS B 270 9.02 -8.40 -23.64
N TYR B 271 8.36 -7.70 -24.56
CA TYR B 271 8.19 -8.20 -25.90
C TYR B 271 7.80 -7.10 -26.87
N THR B 272 7.77 -7.47 -28.14
CA THR B 272 7.35 -6.58 -29.20
C THR B 272 6.11 -7.15 -29.87
N VAL B 273 5.16 -6.29 -30.16
CA VAL B 273 3.98 -6.71 -30.92
C VAL B 273 4.07 -6.08 -32.30
N ILE B 274 3.91 -6.91 -33.33
CA ILE B 274 3.87 -6.41 -34.70
C ILE B 274 2.42 -6.40 -35.12
N CYS B 275 1.91 -5.21 -35.43
CA CYS B 275 0.52 -5.04 -35.82
C CYS B 275 0.31 -5.39 -37.30
N PRO B 276 -0.95 -5.54 -37.72
CA PRO B 276 -1.28 -5.93 -39.10
C PRO B 276 -0.63 -5.03 -40.15
N ASN B 277 -0.47 -3.75 -39.83
CA ASN B 277 0.14 -2.79 -40.76
C ASN B 277 1.65 -2.60 -40.55
N ASN B 278 2.25 -3.52 -39.82
CA ASN B 278 3.68 -3.51 -39.45
C ASN B 278 4.09 -2.47 -38.41
N GLU B 279 3.12 -1.83 -37.78
CA GLU B 279 3.43 -0.98 -36.64
C GLU B 279 4.08 -1.83 -35.54
N ARG B 280 5.23 -1.37 -35.06
CA ARG B 280 5.93 -2.09 -34.00
C ARG B 280 5.71 -1.38 -32.66
N ILE B 281 5.26 -2.16 -31.68
CA ILE B 281 4.99 -1.68 -30.33
C ILE B 281 5.80 -2.49 -29.32
N ASN B 282 6.64 -1.79 -28.57
CA ASN B 282 7.44 -2.43 -27.52
C ASN B 282 6.69 -2.42 -26.22
N VAL B 283 6.43 -3.61 -25.68
CA VAL B 283 5.60 -3.77 -24.49
C VAL B 283 6.40 -4.20 -23.26
N LEU B 284 6.12 -3.52 -22.15
CA LEU B 284 6.50 -3.96 -20.82
C LEU B 284 5.20 -4.40 -20.15
N LEU B 285 5.14 -5.67 -19.77
CA LEU B 285 3.95 -6.21 -19.15
C LEU B 285 4.22 -6.61 -17.69
N ASN B 286 3.42 -6.07 -16.78
CA ASN B 286 3.72 -6.17 -15.35
C ASN B 286 3.29 -7.49 -14.71
N VAL B 287 3.09 -8.52 -15.54
CA VAL B 287 2.74 -9.86 -15.06
C VAL B 287 3.53 -10.87 -15.87
N PRO B 288 3.85 -12.01 -15.26
CA PRO B 288 4.79 -12.96 -15.87
C PRO B 288 4.17 -13.91 -16.88
N GLY B 289 5.02 -14.53 -17.69
CA GLY B 289 4.60 -15.64 -18.53
C GLY B 289 4.20 -15.29 -19.94
N LYS B 290 4.49 -16.20 -20.85
CA LYS B 290 4.08 -16.06 -22.26
C LYS B 290 2.56 -16.08 -22.34
N HIS B 291 1.91 -16.83 -21.45
CA HIS B 291 0.45 -16.90 -21.46
C HIS B 291 -0.18 -15.53 -21.18
N ASN B 292 0.46 -14.75 -20.31
CA ASN B 292 -0.01 -13.39 -20.05
C ASN B 292 0.34 -12.40 -21.16
N ALA B 293 1.47 -12.62 -21.84
CA ALA B 293 1.74 -11.91 -23.09
C ALA B 293 0.62 -12.14 -24.10
N LEU B 294 0.13 -13.37 -24.18
CA LEU B 294 -1.00 -13.69 -25.07
C LEU B 294 -2.25 -12.91 -24.63
N ASN B 295 -2.57 -12.97 -23.35
CA ASN B 295 -3.72 -12.22 -22.82
C ASN B 295 -3.60 -10.71 -23.08
N ALA B 296 -2.41 -10.17 -22.85
CA ALA B 296 -2.15 -8.75 -23.05
C ALA B 296 -2.19 -8.36 -24.52
N THR B 297 -1.96 -9.33 -25.40
CA THR B 297 -1.97 -9.03 -26.83
C THR B 297 -3.39 -9.13 -27.40
N ALA B 298 -4.22 -9.99 -26.81
CA ALA B 298 -5.65 -9.94 -27.09
C ALA B 298 -6.13 -8.55 -26.70
N ALA B 299 -5.72 -8.10 -25.52
CA ALA B 299 -6.14 -6.81 -24.97
C ALA B 299 -5.67 -5.68 -25.88
N LEU B 300 -4.40 -5.72 -26.27
CA LEU B 300 -3.82 -4.71 -27.12
C LEU B 300 -4.51 -4.67 -28.49
N ALA B 301 -4.77 -5.85 -29.07
CA ALA B 301 -5.40 -5.96 -30.38
C ALA B 301 -6.78 -5.32 -30.33
N VAL B 302 -7.54 -5.65 -29.29
CA VAL B 302 -8.88 -5.07 -29.11
C VAL B 302 -8.78 -3.54 -29.07
N ALA B 303 -7.87 -3.04 -28.21
CA ALA B 303 -7.68 -1.59 -28.05
C ALA B 303 -7.22 -0.93 -29.35
N LYS B 304 -6.26 -1.54 -30.05
CA LYS B 304 -5.78 -0.97 -31.31
C LYS B 304 -6.87 -0.95 -32.38
N GLU B 305 -7.68 -2.00 -32.41
CA GLU B 305 -8.77 -2.08 -33.37
C GLU B 305 -9.85 -1.04 -33.05
N GLU B 306 -9.98 -0.68 -31.78
CA GLU B 306 -10.89 0.38 -31.33
C GLU B 306 -10.33 1.78 -31.60
N GLY B 307 -9.02 1.87 -31.83
CA GLY B 307 -8.39 3.14 -32.14
C GLY B 307 -7.78 3.83 -30.93
N ILE B 308 -7.59 3.06 -29.85
CA ILE B 308 -6.97 3.59 -28.63
C ILE B 308 -5.47 3.84 -28.86
N ALA B 309 -4.99 4.96 -28.33
CA ALA B 309 -3.61 5.39 -28.51
C ALA B 309 -2.65 4.43 -27.80
N ASN B 310 -1.46 4.27 -28.38
CA ASN B 310 -0.44 3.37 -27.80
C ASN B 310 -0.10 3.70 -26.35
N GLU B 311 0.05 4.99 -26.03
CA GLU B 311 0.37 5.42 -24.67
C GLU B 311 -0.56 4.79 -23.63
N ALA B 312 -1.87 4.79 -23.89
CA ALA B 312 -2.85 4.25 -22.94
C ALA B 312 -2.66 2.76 -22.77
N ILE B 313 -2.47 2.06 -23.89
CA ILE B 313 -2.30 0.61 -23.84
C ILE B 313 -1.04 0.29 -23.05
N LEU B 314 0.07 0.93 -23.42
CA LEU B 314 1.37 0.65 -22.81
C LEU B 314 1.42 1.01 -21.33
N GLU B 315 0.81 2.15 -20.98
CA GLU B 315 0.74 2.57 -19.58
C GLU B 315 -0.02 1.55 -18.74
N ALA B 316 -1.16 1.11 -19.24
CA ALA B 316 -2.00 0.17 -18.51
C ALA B 316 -1.31 -1.19 -18.37
N LEU B 317 -0.59 -1.61 -19.42
CA LEU B 317 0.09 -2.89 -19.37
C LEU B 317 1.34 -2.85 -18.49
N ALA B 318 2.05 -1.72 -18.50
CA ALA B 318 3.28 -1.55 -17.70
C ALA B 318 2.99 -1.52 -16.21
N ASP B 319 1.78 -1.08 -15.87
CA ASP B 319 1.42 -0.90 -14.47
C ASP B 319 0.30 -1.85 -14.08
N PHE B 320 0.01 -2.81 -14.95
CA PHE B 320 -1.05 -3.78 -14.67
C PHE B 320 -0.85 -4.50 -13.32
N GLN B 321 -1.86 -4.40 -12.46
CA GLN B 321 -1.77 -4.90 -11.11
C GLN B 321 -2.29 -6.33 -10.98
N GLY B 322 -2.88 -6.85 -12.05
CA GLY B 322 -3.35 -8.21 -12.08
C GLY B 322 -4.83 -8.34 -11.79
N ALA B 323 -5.36 -9.52 -12.07
CA ALA B 323 -6.68 -9.91 -11.61
C ALA B 323 -6.48 -10.66 -10.31
N GLY B 324 -7.47 -10.59 -9.42
CA GLY B 324 -7.37 -11.28 -8.15
C GLY B 324 -7.12 -12.76 -8.35
N ARG B 325 -6.21 -13.32 -7.54
CA ARG B 325 -5.91 -14.76 -7.57
C ARG B 325 -5.25 -15.24 -8.86
N ARG B 326 -4.73 -14.31 -9.66
CA ARG B 326 -3.97 -14.70 -10.84
C ARG B 326 -2.53 -14.33 -10.61
N PHE B 327 -1.72 -15.35 -10.31
CA PHE B 327 -0.34 -15.20 -9.87
C PHE B 327 -0.22 -14.02 -8.92
N ASP B 328 -0.96 -14.14 -7.81
CA ASP B 328 -1.28 -13.03 -6.95
C ASP B 328 -0.38 -13.13 -5.72
N GLN B 329 0.64 -12.28 -5.68
CA GLN B 329 1.66 -12.34 -4.64
C GLN B 329 1.10 -11.94 -3.27
N LEU B 330 1.18 -12.85 -2.30
CA LEU B 330 0.68 -12.61 -0.95
C LEU B 330 1.77 -12.06 -0.02
N GLY B 331 3.02 -12.22 -0.42
CA GLY B 331 4.13 -11.63 0.31
C GLY B 331 5.25 -12.61 0.58
N GLU B 332 6.28 -12.09 1.25
CA GLU B 332 7.45 -12.86 1.66
C GLU B 332 7.39 -13.04 3.16
N PHE B 333 7.63 -14.27 3.63
CA PHE B 333 7.51 -14.56 5.05
C PHE B 333 8.74 -15.28 5.57
N ILE B 334 9.25 -14.81 6.70
CA ILE B 334 10.37 -15.47 7.36
C ILE B 334 9.84 -16.57 8.27
N ARG B 335 10.09 -17.80 7.88
CA ARG B 335 9.68 -18.97 8.65
C ARG B 335 10.92 -19.52 9.33
N PRO B 336 10.73 -20.33 10.38
CA PRO B 336 11.87 -20.90 11.11
C PRO B 336 12.87 -21.60 10.21
N ASN B 337 12.40 -22.20 9.11
CA ASN B 337 13.29 -22.95 8.24
C ASN B 337 13.60 -22.31 6.90
N GLY B 338 13.20 -21.05 6.74
CA GLY B 338 13.58 -20.28 5.57
C GLY B 338 12.62 -19.16 5.22
N LYS B 339 13.08 -18.24 4.38
CA LYS B 339 12.26 -17.14 3.89
C LYS B 339 11.56 -17.61 2.62
N VAL B 340 10.24 -17.49 2.61
CA VAL B 340 9.44 -18.03 1.52
C VAL B 340 8.58 -16.92 0.92
N ARG B 341 8.24 -17.09 -0.34
CA ARG B 341 7.30 -16.20 -1.00
C ARG B 341 6.01 -16.97 -1.22
N LEU B 342 4.88 -16.33 -0.89
CA LEU B 342 3.59 -16.98 -1.01
C LEU B 342 2.78 -16.33 -2.14
N VAL B 343 2.31 -17.16 -3.07
CA VAL B 343 1.58 -16.70 -4.26
C VAL B 343 0.29 -17.49 -4.42
N ASP B 344 -0.81 -16.79 -4.69
CA ASP B 344 -2.06 -17.46 -4.92
C ASP B 344 -2.37 -17.51 -6.41
N ASP B 345 -2.85 -18.66 -6.89
CA ASP B 345 -3.26 -18.75 -8.28
C ASP B 345 -4.49 -19.60 -8.51
N TYR B 346 -5.37 -19.07 -9.34
CA TYR B 346 -6.71 -19.58 -9.55
C TYR B 346 -6.72 -20.79 -10.46
N GLY B 347 -5.63 -20.98 -11.22
CA GLY B 347 -5.48 -22.09 -12.15
C GLY B 347 -5.97 -23.41 -11.61
N HIS B 348 -6.90 -24.02 -12.34
CA HIS B 348 -7.60 -25.23 -11.88
C HIS B 348 -7.63 -26.31 -12.95
N HIS B 349 -7.35 -25.91 -14.19
CA HIS B 349 -7.24 -26.84 -15.31
C HIS B 349 -5.74 -27.13 -15.47
N PRO B 350 -5.36 -28.36 -15.79
CA PRO B 350 -3.94 -28.71 -15.89
C PRO B 350 -3.11 -27.75 -16.76
N THR B 351 -3.70 -27.23 -17.83
CA THR B 351 -3.02 -26.28 -18.71
C THR B 351 -2.67 -25.01 -17.94
N GLU B 352 -3.63 -24.48 -17.19
CA GLU B 352 -3.46 -23.29 -16.36
C GLU B 352 -2.41 -23.49 -15.27
N VAL B 353 -2.52 -24.63 -14.60
CA VAL B 353 -1.55 -24.99 -13.56
C VAL B 353 -0.17 -25.03 -14.18
N GLY B 354 -0.08 -25.62 -15.37
CA GLY B 354 1.19 -25.77 -16.07
C GLY B 354 1.83 -24.45 -16.46
N VAL B 355 1.04 -23.54 -17.02
CA VAL B 355 1.59 -22.24 -17.42
C VAL B 355 1.97 -21.41 -16.21
N THR B 356 1.24 -21.58 -15.11
CA THR B 356 1.58 -20.92 -13.85
C THR B 356 2.92 -21.42 -13.31
N ILE B 357 3.12 -22.75 -13.30
CA ILE B 357 4.41 -23.32 -12.90
C ILE B 357 5.55 -22.80 -13.76
N LYS B 358 5.34 -22.80 -15.08
CA LYS B 358 6.32 -22.30 -16.03
C LYS B 358 6.68 -20.83 -15.76
N ALA B 359 5.66 -19.99 -15.55
CA ALA B 359 5.89 -18.58 -15.27
C ALA B 359 6.70 -18.40 -13.99
N ALA B 360 6.38 -19.21 -12.98
CA ALA B 360 7.10 -19.18 -11.71
C ALA B 360 8.56 -19.59 -11.91
N ARG B 361 8.78 -20.70 -12.61
CA ARG B 361 10.12 -21.21 -12.89
C ARG B 361 11.00 -20.16 -13.55
N GLU B 362 10.42 -19.43 -14.51
CA GLU B 362 11.14 -18.44 -15.31
C GLU B 362 11.49 -17.17 -14.51
N GLY B 363 10.87 -17.01 -13.34
CA GLY B 363 11.18 -15.89 -12.47
C GLY B 363 11.90 -16.27 -11.18
N TRP B 364 12.10 -17.55 -10.96
CA TRP B 364 12.57 -18.03 -9.65
C TRP B 364 13.90 -18.80 -9.65
N GLY B 365 14.72 -18.57 -10.67
CA GLY B 365 16.08 -19.09 -10.70
C GLY B 365 16.24 -20.55 -10.31
N ASP B 366 17.19 -20.82 -9.41
CA ASP B 366 17.48 -22.19 -8.98
C ASP B 366 16.78 -22.59 -7.68
N LYS B 367 15.79 -21.80 -7.29
CA LYS B 367 15.07 -22.04 -6.03
C LYS B 367 13.86 -22.94 -6.27
N ARG B 368 13.29 -23.44 -5.17
CA ARG B 368 12.24 -24.44 -5.27
C ARG B 368 10.87 -23.83 -5.47
N ILE B 369 10.03 -24.57 -6.20
CA ILE B 369 8.61 -24.29 -6.27
C ILE B 369 7.87 -25.36 -5.47
N VAL B 370 7.12 -24.89 -4.49
CA VAL B 370 6.32 -25.73 -3.62
C VAL B 370 4.88 -25.39 -3.99
N ILE B 372 0.73 -25.92 -3.09
CA ILE B 372 -0.39 -26.43 -2.34
C ILE B 372 -1.55 -26.46 -3.32
N PHE B 373 -1.97 -27.67 -3.71
CA PHE B 373 -2.99 -27.76 -4.74
C PHE B 373 -4.28 -28.30 -4.18
N GLN B 374 -5.36 -27.59 -4.48
CA GLN B 374 -6.69 -28.05 -4.16
C GLN B 374 -7.46 -28.24 -5.46
N PRO B 375 -7.76 -29.48 -5.83
CA PRO B 375 -8.57 -29.74 -7.03
C PRO B 375 -9.96 -29.15 -6.83
N HIS B 376 -10.48 -28.61 -7.92
CA HIS B 376 -11.79 -28.00 -7.92
C HIS B 376 -12.67 -28.95 -8.73
N ARG B 377 -13.65 -29.54 -8.04
CA ARG B 377 -14.64 -30.48 -8.57
C ARG B 377 -14.11 -31.89 -8.78
N TYR B 378 -14.93 -32.87 -8.40
CA TYR B 378 -14.64 -34.27 -8.69
C TYR B 378 -14.76 -34.55 -10.18
N SER B 379 -15.75 -33.91 -10.81
CA SER B 379 -16.01 -34.09 -12.24
C SER B 379 -14.77 -33.75 -13.05
N ARG B 380 -14.15 -32.61 -12.75
CA ARG B 380 -12.97 -32.14 -13.47
C ARG B 380 -11.76 -33.04 -13.16
N THR B 381 -11.63 -33.44 -11.89
CA THR B 381 -10.56 -34.34 -11.48
C THR B 381 -10.68 -35.66 -12.23
N ARG B 382 -11.89 -36.18 -12.34
CA ARG B 382 -12.13 -37.38 -13.13
C ARG B 382 -11.80 -37.18 -14.61
N ASP B 383 -12.29 -36.08 -15.19
CA ASP B 383 -12.16 -35.86 -16.63
C ASP B 383 -10.71 -35.68 -17.07
N LEU B 384 -9.90 -35.08 -16.19
CA LEU B 384 -8.55 -34.66 -16.55
C LEU B 384 -7.49 -35.31 -15.66
N PHE B 385 -7.85 -36.44 -15.04
CA PHE B 385 -7.03 -37.10 -14.03
C PHE B 385 -5.56 -37.22 -14.40
N ASP B 386 -5.25 -37.89 -15.51
CA ASP B 386 -3.87 -38.14 -15.91
C ASP B 386 -3.11 -36.83 -16.15
N ASP B 387 -3.81 -35.83 -16.70
CA ASP B 387 -3.20 -34.53 -16.96
C ASP B 387 -2.83 -33.83 -15.65
N PHE B 388 -3.69 -33.95 -14.63
CA PHE B 388 -3.34 -33.46 -13.30
C PHE B 388 -2.10 -34.17 -12.75
N VAL B 389 -2.06 -35.49 -12.87
CA VAL B 389 -0.92 -36.25 -12.38
C VAL B 389 0.37 -35.74 -13.02
N GLN B 390 0.33 -35.51 -14.34
CA GLN B 390 1.51 -35.06 -15.06
C GLN B 390 1.91 -33.63 -14.66
N VAL B 391 0.96 -32.70 -14.66
CA VAL B 391 1.29 -31.30 -14.37
C VAL B 391 1.73 -31.08 -12.91
N LEU B 392 1.03 -31.73 -11.97
CA LEU B 392 1.36 -31.58 -10.55
C LEU B 392 2.70 -32.20 -10.19
N SER B 393 3.19 -33.10 -11.06
CA SER B 393 4.49 -33.74 -10.87
C SER B 393 5.67 -32.87 -11.32
N GLN B 394 5.37 -31.67 -11.78
CA GLN B 394 6.38 -30.73 -12.25
C GLN B 394 6.95 -29.82 -11.16
N VAL B 395 6.28 -29.79 -10.01
CA VAL B 395 6.75 -28.98 -8.88
C VAL B 395 7.75 -29.75 -8.02
N ASP B 396 8.48 -29.04 -7.16
CA ASP B 396 9.54 -29.66 -6.37
C ASP B 396 9.03 -30.28 -5.08
N ALA B 397 7.92 -29.74 -4.57
CA ALA B 397 7.27 -30.25 -3.40
C ALA B 397 5.79 -30.00 -3.55
N LEU B 398 4.97 -30.94 -3.11
CA LEU B 398 3.54 -30.85 -3.36
C LEU B 398 2.75 -31.21 -2.11
N ILE B 399 1.94 -30.26 -1.65
CA ILE B 399 0.92 -30.51 -0.63
C ILE B 399 -0.41 -30.55 -1.35
N LEU B 401 -4.53 -30.73 -1.03
CA LEU B 401 -5.72 -30.57 -0.22
C LEU B 401 -6.84 -31.43 -0.81
N ASP B 402 -7.84 -31.75 0.01
CA ASP B 402 -9.00 -32.49 -0.46
C ASP B 402 -9.67 -31.72 -1.58
N VAL B 403 -10.32 -32.46 -2.49
CA VAL B 403 -11.10 -31.84 -3.56
C VAL B 403 -12.12 -30.86 -3.01
N TYR B 404 -12.19 -29.68 -3.62
CA TYR B 404 -13.24 -28.71 -3.34
C TYR B 404 -14.44 -29.12 -4.20
N ALA B 405 -15.48 -29.60 -3.53
CA ALA B 405 -16.58 -30.27 -4.22
C ALA B 405 -17.41 -29.33 -5.10
N ALA B 406 -17.56 -28.07 -4.68
CA ALA B 406 -18.43 -27.12 -5.37
C ALA B 406 -19.82 -27.71 -5.62
N GLY B 407 -20.37 -28.38 -4.62
CA GLY B 407 -21.72 -28.91 -4.68
C GLY B 407 -21.84 -30.31 -5.25
N GLU B 408 -20.73 -30.88 -5.71
CA GLU B 408 -20.72 -32.18 -6.35
C GLU B 408 -20.57 -33.31 -5.34
N ALA B 409 -21.25 -34.42 -5.60
CA ALA B 409 -21.07 -35.65 -4.86
C ALA B 409 -19.71 -36.25 -5.23
N PRO B 410 -19.04 -36.91 -4.28
CA PRO B 410 -17.74 -37.52 -4.55
C PRO B 410 -17.80 -38.59 -5.64
N ILE B 411 -16.73 -38.67 -6.43
CA ILE B 411 -16.58 -39.69 -7.47
C ILE B 411 -15.42 -40.61 -7.09
N VAL B 412 -15.69 -41.91 -7.03
CA VAL B 412 -14.67 -42.89 -6.67
C VAL B 412 -13.50 -42.82 -7.65
N GLY B 413 -12.27 -42.74 -7.11
CA GLY B 413 -11.06 -42.68 -7.92
C GLY B 413 -10.67 -41.28 -8.35
N ALA B 414 -11.50 -40.31 -8.01
CA ALA B 414 -11.30 -38.92 -8.46
C ALA B 414 -11.15 -37.95 -7.30
N ASP B 415 -10.56 -38.42 -6.22
CA ASP B 415 -10.33 -37.59 -5.05
C ASP B 415 -8.85 -37.38 -4.92
N SER B 416 -8.47 -36.57 -3.94
CA SER B 416 -7.10 -36.19 -3.73
C SER B 416 -6.22 -37.36 -3.29
N LYS B 417 -6.80 -38.30 -2.53
CA LYS B 417 -6.09 -39.53 -2.16
C LYS B 417 -5.64 -40.31 -3.41
N SER B 418 -6.54 -40.41 -4.37
CA SER B 418 -6.29 -41.12 -5.63
C SER B 418 -5.24 -40.37 -6.44
N LEU B 419 -5.37 -39.05 -6.52
CA LEU B 419 -4.37 -38.23 -7.21
C LEU B 419 -2.99 -38.42 -6.59
N CYS B 420 -2.92 -38.34 -5.26
CA CYS B 420 -1.65 -38.54 -4.54
C CYS B 420 -1.00 -39.89 -4.84
N ARG B 421 -1.81 -40.94 -4.85
CA ARG B 421 -1.30 -42.29 -5.17
C ARG B 421 -0.70 -42.33 -6.57
N SER B 422 -1.40 -41.76 -7.53
CA SER B 422 -0.94 -41.76 -8.91
C SER B 422 0.28 -40.86 -9.12
N ILE B 423 0.32 -39.72 -8.43
CA ILE B 423 1.49 -38.85 -8.47
C ILE B 423 2.69 -39.59 -7.87
N ARG B 424 2.49 -40.19 -6.69
CA ARG B 424 3.52 -41.01 -6.06
C ARG B 424 4.00 -42.12 -7.00
N ASN B 425 3.06 -42.75 -7.71
CA ASN B 425 3.40 -43.82 -8.66
C ASN B 425 4.26 -43.32 -9.81
N LEU B 426 3.98 -42.11 -10.29
CA LEU B 426 4.78 -41.51 -11.36
C LEU B 426 6.22 -41.27 -10.93
N GLY B 427 6.41 -40.91 -9.66
CA GLY B 427 7.73 -40.95 -9.04
C GLY B 427 8.57 -39.67 -9.04
N LYS B 428 8.02 -38.57 -9.55
CA LYS B 428 8.77 -37.31 -9.60
C LYS B 428 8.71 -36.54 -8.29
N VAL B 429 7.55 -36.57 -7.64
CA VAL B 429 7.33 -35.86 -6.39
C VAL B 429 6.49 -36.76 -5.48
N ASP B 430 6.75 -36.68 -4.19
CA ASP B 430 6.02 -37.44 -3.19
C ASP B 430 5.11 -36.46 -2.47
N PRO B 431 3.81 -36.50 -2.77
CA PRO B 431 2.91 -35.48 -2.25
C PRO B 431 2.53 -35.78 -0.79
N ILE B 432 2.20 -34.73 -0.06
CA ILE B 432 1.64 -34.88 1.28
C ILE B 432 0.19 -34.41 1.23
N LEU B 433 -0.73 -35.28 1.62
CA LEU B 433 -2.14 -34.91 1.70
C LEU B 433 -2.45 -34.28 3.06
N VAL B 434 -3.04 -33.08 3.04
CA VAL B 434 -3.41 -32.36 4.26
C VAL B 434 -4.93 -32.19 4.24
N SER B 435 -5.62 -33.00 5.04
CA SER B 435 -7.07 -32.94 5.09
C SER B 435 -7.54 -31.90 6.10
N ASP B 436 -6.81 -31.77 7.20
CA ASP B 436 -7.11 -30.77 8.23
C ASP B 436 -6.25 -29.56 7.94
N THR B 437 -6.83 -28.55 7.29
CA THR B 437 -6.03 -27.42 6.81
C THR B 437 -5.56 -26.48 7.92
N SER B 438 -6.05 -26.69 9.14
CA SER B 438 -5.48 -25.99 10.29
C SER B 438 -4.03 -26.43 10.52
N GLN B 439 -3.65 -27.59 9.96
CA GLN B 439 -2.28 -28.11 10.10
C GLN B 439 -1.39 -27.73 8.93
N LEU B 440 -1.95 -27.02 7.95
CA LEU B 440 -1.23 -26.71 6.71
C LEU B 440 0.06 -25.96 6.99
N GLY B 441 0.00 -24.97 7.88
CA GLY B 441 1.17 -24.21 8.27
C GLY B 441 2.27 -25.10 8.85
N ASP B 442 1.88 -26.05 9.69
CA ASP B 442 2.80 -26.99 10.33
C ASP B 442 3.49 -27.89 9.31
N VAL B 443 2.71 -28.40 8.36
CA VAL B 443 3.26 -29.24 7.31
C VAL B 443 4.24 -28.45 6.47
N LEU B 444 3.85 -27.23 6.09
CA LEU B 444 4.72 -26.35 5.31
C LEU B 444 6.02 -26.06 6.06
N ASP B 445 5.90 -25.72 7.34
CA ASP B 445 7.06 -25.47 8.19
C ASP B 445 8.01 -26.66 8.29
N GLN B 446 7.48 -27.87 8.16
CA GLN B 446 8.33 -29.06 8.18
C GLN B 446 9.13 -29.26 6.89
N ILE B 447 8.60 -28.77 5.77
CA ILE B 447 9.20 -29.05 4.47
C ILE B 447 9.88 -27.84 3.80
N ILE B 448 9.58 -26.64 4.29
CA ILE B 448 10.09 -25.38 3.73
C ILE B 448 11.62 -25.33 3.70
N GLN B 449 12.17 -24.77 2.62
CA GLN B 449 13.58 -24.45 2.52
C GLN B 449 13.71 -22.98 2.16
N ASP B 450 14.84 -22.38 2.50
CA ASP B 450 15.07 -20.98 2.22
C ASP B 450 14.92 -20.69 0.72
N GLY B 451 14.17 -19.64 0.40
CA GLY B 451 13.96 -19.23 -0.98
C GLY B 451 12.81 -19.88 -1.70
N ASP B 452 12.02 -20.70 -0.99
CA ASP B 452 10.89 -21.41 -1.58
C ASP B 452 9.84 -20.44 -2.12
N LEU B 453 9.33 -20.73 -3.32
CA LEU B 453 8.14 -20.08 -3.82
C LEU B 453 6.98 -21.04 -3.55
N ILE B 454 6.03 -20.61 -2.73
CA ILE B 454 4.85 -21.42 -2.44
C ILE B 454 3.65 -20.93 -3.23
N LEU B 455 3.14 -21.81 -4.08
CA LEU B 455 1.98 -21.54 -4.91
C LEU B 455 0.77 -22.19 -4.28
N ALA B 456 -0.15 -21.38 -3.77
CA ALA B 456 -1.46 -21.85 -3.33
C ALA B 456 -2.37 -21.87 -4.54
N GLN B 457 -2.67 -23.08 -5.02
CA GLN B 457 -3.16 -23.29 -6.37
C GLN B 457 -4.57 -23.89 -6.39
N GLY B 458 -5.48 -23.24 -7.10
CA GLY B 458 -6.83 -23.76 -7.22
C GLY B 458 -7.92 -22.71 -7.20
N ALA B 459 -9.12 -23.14 -7.59
CA ALA B 459 -10.25 -22.23 -7.78
C ALA B 459 -11.19 -22.16 -6.57
N GLY B 460 -10.93 -22.98 -5.56
CA GLY B 460 -11.87 -23.13 -4.47
C GLY B 460 -11.43 -22.36 -3.25
N SER B 461 -11.63 -22.98 -2.09
CA SER B 461 -11.33 -22.34 -0.81
C SER B 461 -9.84 -22.21 -0.51
N VAL B 462 -9.00 -22.79 -1.39
CA VAL B 462 -7.55 -22.73 -1.21
C VAL B 462 -7.05 -21.29 -1.02
N SER B 463 -7.71 -20.32 -1.68
CA SER B 463 -7.34 -18.92 -1.53
C SER B 463 -7.60 -18.38 -0.13
N LYS B 464 -8.79 -18.64 0.41
CA LYS B 464 -9.12 -18.26 1.78
C LYS B 464 -8.16 -18.94 2.76
N ILE B 465 -7.85 -20.20 2.49
CA ILE B 465 -6.96 -20.99 3.33
C ILE B 465 -5.55 -20.39 3.35
N SER B 466 -5.05 -20.01 2.17
CA SER B 466 -3.70 -19.46 2.05
C SER B 466 -3.60 -18.07 2.65
N ARG B 467 -4.68 -17.31 2.55
CA ARG B 467 -4.68 -15.95 3.10
C ARG B 467 -4.76 -16.01 4.63
N GLY B 468 -5.50 -16.98 5.16
CA GLY B 468 -5.49 -17.30 6.58
C GLY B 468 -4.09 -17.69 7.03
N LEU B 469 -3.38 -18.44 6.19
CA LEU B 469 -2.00 -18.84 6.43
C LEU B 469 -1.06 -17.64 6.45
N ALA B 470 -1.22 -16.76 5.48
CA ALA B 470 -0.41 -15.55 5.36
C ALA B 470 -0.56 -14.64 6.58
N GLU B 471 -1.80 -14.52 7.06
CA GLU B 471 -2.09 -13.74 8.26
C GLU B 471 -1.60 -14.41 9.54
N SER B 472 -1.59 -15.75 9.54
CA SER B 472 -1.00 -16.55 10.62
C SER B 472 0.52 -16.36 10.66
N TRP B 473 1.09 -16.01 9.50
CA TRP B 473 2.51 -15.78 9.34
C TRP B 473 2.82 -14.29 9.41
#